data_6SNC
#
_entry.id   6SNC
#
_cell.length_a   136.762
_cell.length_b   136.762
_cell.length_c   146.908
_cell.angle_alpha   90.000
_cell.angle_beta   90.000
_cell.angle_gamma   90.000
#
_symmetry.space_group_name_H-M   'P 43 21 2'
#
loop_
_entity.id
_entity.type
_entity.pdbx_description
1 polymer 'LNO1 Light Chain'
2 polymer 'LNO1 Heavy Chain'
3 polymer 'Envelope glycoprotein gp160'
4 non-polymer 2-acetamido-2-deoxy-beta-D-glucopyranose
5 non-polymer 'PHOSPHATE ION'
6 non-polymer 'dodecyl 2-(trimethylammonio)ethyl phosphate'
7 non-polymer PHOSPHOCHOLINE
#
loop_
_entity_poly.entity_id
_entity_poly.type
_entity_poly.pdbx_seq_one_letter_code
_entity_poly.pdbx_strand_id
1 'polypeptide(L)'
;DIQMTQSPSSLSASVGDKVTITCRASQSVTKYLNWYQFKTGQAPRILIYGTYTLLSGVSPRFSGAGSGSLYTLTITNIQP
EDFATYYCQQAHSTPWTFGQGTHVAANRTVAAPSVFIFPPSDEQLKSGTASVVCLLNNFYPREAKVQWKVDNALQSGNSQ
ESVTEQDSKDSTYSLSSTLTLSKADYEKHKVYACEVTHQGLSSPVTKSFNRGGC
;
A,L
2 'polypeptide(L)'
;EVQLVESGPGLVQPWGTLSLTCRVSGDSVSNDNYYWAWIRQTPGRELQVIGTIYYSGTTYYNPSLRNRVTISLDKSVNVV
SLRLGSVSAADTAQYYCVRMPSHGFWSTSFSYWYFDLWGRGHFVAVSWASTKGPSVFPLAPSSKSTSGGTAALGCLVKDY
FPEPVTVSWNSGALTSGVHTFPAVLQSSGLYSLSSVVTVPSSSLGTQTYICNVDHKPSNTKVDKKVEPKSCDTTS
;
B,H
3 'polypeptide(L)' NWFDITNWLWYIKLFIMIVKKKKKK P,C
#
loop_
_chem_comp.id
_chem_comp.type
_chem_comp.name
_chem_comp.formula
DPV non-polymer 'dodecyl 2-(trimethylammonio)ethyl phosphate' 'C17 H38 N O4 P'
NAG D-saccharide, beta linking 2-acetamido-2-deoxy-beta-D-glucopyranose 'C8 H15 N O6'
PC non-polymer PHOSPHOCHOLINE 'C5 H15 N O4 P 1'
PO4 non-polymer 'PHOSPHATE ION' 'O4 P -3'
#
# COMPACT_ATOMS: atom_id res chain seq x y z
N ASP A 1 -11.60 -22.41 0.18
CA ASP A 1 -11.14 -21.98 -1.14
C ASP A 1 -9.64 -22.14 -1.27
N ILE A 2 -9.19 -22.65 -2.41
CA ILE A 2 -7.76 -22.85 -2.68
C ILE A 2 -7.08 -21.50 -2.94
N GLN A 3 -6.11 -21.16 -2.10
CA GLN A 3 -5.35 -19.93 -2.28
C GLN A 3 -4.16 -20.10 -3.23
N MET A 4 -3.96 -19.09 -4.11
CA MET A 4 -3.00 -19.14 -5.21
C MET A 4 -2.00 -17.97 -5.14
N THR A 5 -0.72 -18.24 -5.34
CA THR A 5 0.29 -17.17 -5.32
C THR A 5 1.32 -17.32 -6.44
N GLN A 6 1.50 -16.24 -7.21
CA GLN A 6 2.45 -16.15 -8.29
C GLN A 6 3.70 -15.42 -7.83
N SER A 7 4.84 -15.80 -8.42
CA SER A 7 6.12 -15.10 -8.18
C SER A 7 6.96 -15.02 -9.44
N PRO A 8 7.59 -13.86 -9.71
CA PRO A 8 7.43 -12.65 -8.90
C PRO A 8 6.14 -11.90 -9.21
N SER A 9 5.73 -10.99 -8.32
CA SER A 9 4.54 -10.16 -8.59
C SER A 9 4.76 -9.30 -9.81
N SER A 10 5.92 -8.68 -9.90
CA SER A 10 6.35 -7.96 -11.06
C SER A 10 7.78 -8.36 -11.39
N LEU A 11 8.12 -8.27 -12.66
CA LEU A 11 9.48 -8.45 -13.15
C LEU A 11 9.61 -7.61 -14.41
N SER A 12 10.84 -7.39 -14.86
CA SER A 12 11.03 -6.76 -16.16
C SER A 12 12.14 -7.47 -16.92
N ALA A 13 12.04 -7.46 -18.26
CA ALA A 13 12.87 -8.27 -19.13
C ALA A 13 13.18 -7.57 -20.45
N SER A 14 14.37 -7.86 -20.99
CA SER A 14 14.76 -7.42 -22.34
C SER A 14 14.22 -8.38 -23.40
N VAL A 15 13.94 -7.83 -24.58
CA VAL A 15 13.45 -8.69 -25.66
C VAL A 15 14.48 -9.78 -25.96
N GLY A 16 14.00 -11.04 -25.98
CA GLY A 16 14.83 -12.20 -26.22
C GLY A 16 15.06 -13.06 -24.99
N ASP A 17 15.07 -12.47 -23.80
CA ASP A 17 15.32 -13.21 -22.57
C ASP A 17 14.31 -14.33 -22.38
N LYS A 18 14.69 -15.36 -21.61
CA LYS A 18 13.73 -16.33 -21.11
C LYS A 18 13.10 -15.81 -19.82
N VAL A 19 11.79 -15.98 -19.65
CA VAL A 19 11.09 -15.48 -18.45
C VAL A 19 10.25 -16.61 -17.87
N THR A 20 10.46 -16.93 -16.60
CA THR A 20 9.66 -17.94 -15.90
C THR A 20 8.87 -17.39 -14.72
N ILE A 21 7.61 -17.81 -14.65
CA ILE A 21 6.62 -17.37 -13.68
C ILE A 21 6.13 -18.59 -12.91
N THR A 22 6.22 -18.53 -11.59
CA THR A 22 5.91 -19.69 -10.79
C THR A 22 4.59 -19.47 -10.09
N CYS A 23 3.79 -20.52 -10.01
CA CYS A 23 2.45 -20.45 -9.41
C CYS A 23 2.33 -21.58 -8.39
N ARG A 24 2.21 -21.24 -7.10
CA ARG A 24 2.07 -22.23 -6.03
C ARG A 24 0.66 -22.17 -5.45
N ALA A 25 0.12 -23.32 -5.08
CA ALA A 25 -1.24 -23.48 -4.60
C ALA A 25 -1.25 -24.02 -3.18
N SER A 26 -2.32 -23.72 -2.44
CA SER A 26 -2.34 -24.10 -1.03
C SER A 26 -2.56 -25.60 -0.85
N GLN A 27 -3.27 -26.23 -1.78
CA GLN A 27 -3.41 -27.68 -1.88
C GLN A 27 -2.74 -28.15 -3.15
N SER A 28 -2.78 -29.48 -3.37
CA SER A 28 -2.51 -29.99 -4.69
C SER A 28 -3.73 -29.83 -5.58
N VAL A 29 -3.49 -29.37 -6.80
CA VAL A 29 -4.51 -29.08 -7.78
C VAL A 29 -4.51 -30.11 -8.90
N THR A 30 -3.62 -31.13 -8.78
CA THR A 30 -3.40 -32.22 -9.72
C THR A 30 -3.62 -31.74 -11.15
N LYS A 31 -2.72 -30.88 -11.59
CA LYS A 31 -2.52 -30.46 -12.98
C LYS A 31 -3.73 -29.79 -13.63
N TYR A 32 -4.79 -29.43 -12.88
CA TYR A 32 -5.88 -28.64 -13.45
C TYR A 32 -5.56 -27.15 -13.31
N LEU A 33 -4.63 -26.68 -14.14
CA LEU A 33 -4.02 -25.36 -14.00
C LEU A 33 -3.95 -24.66 -15.34
N ASN A 34 -4.59 -23.48 -15.43
CA ASN A 34 -4.74 -22.70 -16.66
C ASN A 34 -3.97 -21.38 -16.56
N TRP A 35 -3.51 -20.87 -17.72
CA TRP A 35 -2.77 -19.62 -17.81
C TRP A 35 -3.47 -18.67 -18.77
N TYR A 36 -3.55 -17.39 -18.37
CA TYR A 36 -4.23 -16.35 -19.14
C TYR A 36 -3.32 -15.14 -19.33
N GLN A 37 -3.53 -14.44 -20.44
CA GLN A 37 -2.82 -13.21 -20.78
C GLN A 37 -3.77 -12.00 -20.77
N PHE A 38 -3.39 -10.96 -20.03
CA PHE A 38 -4.15 -9.72 -19.90
C PHE A 38 -3.30 -8.57 -20.43
N LYS A 39 -3.77 -7.94 -21.50
CA LYS A 39 -3.17 -6.72 -21.99
C LYS A 39 -4.23 -5.63 -22.03
N THR A 40 -3.79 -4.41 -21.79
CA THR A 40 -4.69 -3.27 -21.96
C THR A 40 -4.97 -3.14 -23.44
N GLY A 41 -6.24 -2.97 -23.80
CA GLY A 41 -6.58 -2.88 -25.20
C GLY A 41 -7.35 -4.09 -25.69
N GLN A 42 -6.97 -5.30 -25.28
CA GLN A 42 -7.65 -6.49 -25.74
C GLN A 42 -8.37 -7.18 -24.59
N ALA A 43 -9.25 -8.09 -24.98
CA ALA A 43 -9.91 -8.94 -24.03
C ALA A 43 -8.91 -9.97 -23.49
N PRO A 44 -9.04 -10.33 -22.22
CA PRO A 44 -8.26 -11.46 -21.70
C PRO A 44 -8.35 -12.64 -22.65
N ARG A 45 -7.28 -13.45 -22.63
CA ARG A 45 -7.01 -14.48 -23.63
C ARG A 45 -6.35 -15.67 -22.93
N ILE A 46 -6.90 -16.90 -23.11
CA ILE A 46 -6.26 -18.09 -22.57
C ILE A 46 -5.04 -18.46 -23.41
N LEU A 47 -4.03 -19.02 -22.78
CA LEU A 47 -2.99 -19.60 -23.62
C LEU A 47 -2.70 -21.07 -23.31
N ILE A 48 -2.80 -21.49 -22.05
CA ILE A 48 -2.60 -22.88 -21.68
C ILE A 48 -3.72 -23.35 -20.75
N TYR A 49 -4.07 -24.63 -20.88
CA TYR A 49 -5.02 -25.27 -19.98
C TYR A 49 -4.47 -26.63 -19.57
N GLY A 50 -4.81 -27.04 -18.35
CA GLY A 50 -4.37 -28.33 -17.83
C GLY A 50 -2.87 -28.49 -17.82
N THR A 51 -2.17 -27.50 -17.26
CA THR A 51 -0.72 -27.49 -17.09
C THR A 51 0.05 -27.32 -18.39
N TYR A 52 -0.09 -28.22 -19.38
CA TYR A 52 0.79 -28.21 -20.55
C TYR A 52 0.19 -27.77 -21.88
N THR A 53 -1.13 -27.85 -22.07
CA THR A 53 -1.75 -27.72 -23.40
C THR A 53 -1.91 -26.29 -23.90
N LEU A 54 -1.34 -26.00 -25.07
CA LEU A 54 -1.47 -24.74 -25.78
C LEU A 54 -2.77 -24.70 -26.61
N LEU A 55 -3.41 -23.54 -26.69
CA LEU A 55 -4.58 -23.38 -27.54
C LEU A 55 -4.18 -22.87 -28.93
N SER A 56 -5.03 -23.12 -29.92
CA SER A 56 -4.75 -22.66 -31.27
C SER A 56 -4.48 -21.16 -31.27
N GLY A 57 -3.52 -20.73 -32.10
CA GLY A 57 -3.20 -19.31 -32.21
C GLY A 57 -2.31 -18.71 -31.11
N VAL A 58 -2.03 -19.46 -30.05
CA VAL A 58 -1.05 -19.06 -29.04
C VAL A 58 0.32 -19.50 -29.54
N SER A 59 1.30 -18.59 -29.49
CA SER A 59 2.63 -18.92 -30.03
C SER A 59 3.35 -19.94 -29.15
N PRO A 60 4.13 -20.84 -29.76
CA PRO A 60 4.81 -21.90 -28.99
C PRO A 60 5.95 -21.44 -28.12
N ARG A 61 6.29 -20.15 -28.13
CA ARG A 61 7.18 -19.59 -27.11
C ARG A 61 6.65 -19.86 -25.70
N PHE A 62 5.34 -19.80 -25.53
CA PHE A 62 4.73 -20.10 -24.25
C PHE A 62 4.75 -21.60 -23.99
N SER A 63 5.09 -21.97 -22.75
CA SER A 63 5.13 -23.37 -22.38
C SER A 63 4.86 -23.51 -20.89
N GLY A 64 4.11 -24.55 -20.54
CA GLY A 64 3.63 -24.79 -19.19
C GLY A 64 4.26 -26.02 -18.57
N ALA A 65 4.32 -26.08 -17.25
CA ALA A 65 4.96 -27.22 -16.62
C ALA A 65 4.51 -27.30 -15.17
N GLY A 66 4.62 -28.47 -14.59
CA GLY A 66 4.36 -28.55 -13.18
C GLY A 66 3.58 -29.75 -12.71
N SER A 67 3.35 -29.83 -11.41
CA SER A 67 2.57 -30.89 -10.80
C SER A 67 2.35 -30.57 -9.33
N GLY A 68 1.50 -31.34 -8.68
CA GLY A 68 1.29 -31.16 -7.26
C GLY A 68 0.77 -29.75 -7.00
N SER A 69 1.49 -29.00 -6.16
CA SER A 69 1.12 -27.62 -5.86
C SER A 69 1.97 -26.59 -6.59
N LEU A 70 2.81 -26.99 -7.53
CA LEU A 70 3.80 -26.04 -8.04
C LEU A 70 3.89 -26.15 -9.55
N TYR A 71 3.55 -25.07 -10.24
CA TYR A 71 3.53 -25.02 -11.70
C TYR A 71 4.31 -23.80 -12.14
N THR A 72 4.58 -23.73 -13.43
CA THR A 72 5.48 -22.70 -13.94
C THR A 72 5.18 -22.46 -15.42
N LEU A 73 4.94 -21.19 -15.77
CA LEU A 73 4.81 -20.72 -17.15
C LEU A 73 6.14 -20.15 -17.64
N THR A 74 6.48 -20.41 -18.90
CA THR A 74 7.76 -19.97 -19.46
C THR A 74 7.60 -19.33 -20.82
N ILE A 75 8.12 -18.11 -20.95
CA ILE A 75 8.15 -17.39 -22.22
C ILE A 75 9.59 -17.46 -22.75
N THR A 76 9.76 -18.12 -23.90
CA THR A 76 11.08 -18.59 -24.34
C THR A 76 11.93 -17.50 -24.99
N ASN A 77 11.34 -16.69 -25.86
CA ASN A 77 12.16 -15.76 -26.61
C ASN A 77 11.47 -14.40 -26.64
N ILE A 78 11.09 -13.94 -25.43
CA ILE A 78 10.09 -12.89 -25.19
C ILE A 78 10.12 -11.79 -26.24
N GLN A 79 8.93 -11.45 -26.75
CA GLN A 79 8.79 -10.53 -27.85
C GLN A 79 7.98 -9.32 -27.43
N PRO A 80 8.05 -8.23 -28.20
CA PRO A 80 7.32 -7.02 -27.81
C PRO A 80 5.86 -7.27 -27.51
N GLU A 81 5.22 -8.17 -28.26
CA GLU A 81 3.80 -8.47 -28.08
C GLU A 81 3.53 -9.34 -26.87
N ASP A 82 4.57 -9.82 -26.20
CA ASP A 82 4.45 -10.67 -25.02
C ASP A 82 4.45 -9.89 -23.71
N PHE A 83 4.82 -8.62 -23.73
CA PHE A 83 4.83 -7.84 -22.49
C PHE A 83 3.40 -7.51 -22.06
N ALA A 84 3.03 -7.98 -20.86
CA ALA A 84 1.63 -8.07 -20.44
C ALA A 84 1.56 -8.60 -19.03
N THR A 85 0.37 -8.87 -18.49
CA THR A 85 0.34 -9.52 -17.19
C THR A 85 -0.35 -10.88 -17.29
N TYR A 86 0.20 -11.89 -16.60
CA TYR A 86 -0.19 -13.29 -16.72
C TYR A 86 -0.77 -13.82 -15.42
N TYR A 87 -1.86 -14.58 -15.54
CA TYR A 87 -2.56 -15.14 -14.38
C TYR A 87 -2.68 -16.65 -14.48
N CYS A 88 -2.50 -17.34 -13.34
CA CYS A 88 -2.76 -18.77 -13.26
C CYS A 88 -4.06 -19.02 -12.49
N GLN A 89 -4.77 -20.08 -12.87
CA GLN A 89 -6.07 -20.43 -12.30
C GLN A 89 -6.16 -21.93 -12.07
N GLN A 90 -6.76 -22.33 -10.97
CA GLN A 90 -6.87 -23.75 -10.67
C GLN A 90 -8.26 -24.21 -10.95
N ALA A 91 -8.37 -25.34 -11.64
CA ALA A 91 -9.66 -25.90 -11.94
C ALA A 91 -9.98 -27.09 -11.08
N HIS A 92 -9.14 -27.37 -10.10
CA HIS A 92 -9.40 -28.51 -9.25
C HIS A 92 -10.57 -28.54 -8.31
N SER A 93 -10.83 -27.47 -7.58
CA SER A 93 -11.89 -27.47 -6.60
C SER A 93 -13.08 -26.67 -7.04
N THR A 94 -14.20 -26.85 -6.34
CA THR A 94 -15.46 -26.21 -6.72
C THR A 94 -15.35 -24.70 -6.79
N PRO A 95 -14.69 -24.04 -5.84
CA PRO A 95 -14.76 -22.65 -6.23
C PRO A 95 -13.46 -22.33 -6.91
N TRP A 96 -13.50 -22.04 -8.20
CA TRP A 96 -12.31 -21.78 -8.97
C TRP A 96 -11.65 -20.50 -8.54
N THR A 97 -10.33 -20.50 -8.47
CA THR A 97 -9.63 -19.34 -7.94
C THR A 97 -8.40 -19.02 -8.76
N PHE A 98 -8.15 -17.72 -8.97
CA PHE A 98 -7.02 -17.27 -9.77
C PHE A 98 -5.86 -16.88 -8.86
N GLY A 99 -4.67 -16.72 -9.46
CA GLY A 99 -3.55 -16.11 -8.79
C GLY A 99 -3.72 -14.61 -8.72
N GLN A 100 -2.68 -13.92 -8.21
CA GLN A 100 -2.77 -12.47 -8.11
C GLN A 100 -2.17 -11.75 -9.31
N GLY A 101 -1.38 -12.42 -10.11
CA GLY A 101 -0.92 -11.88 -11.37
C GLY A 101 0.56 -11.52 -11.36
N THR A 102 1.20 -11.78 -12.50
CA THR A 102 2.60 -11.43 -12.69
C THR A 102 2.67 -10.45 -13.85
N HIS A 103 3.14 -9.23 -13.58
CA HIS A 103 3.24 -8.16 -14.56
C HIS A 103 4.64 -8.21 -15.13
N VAL A 104 4.75 -8.40 -16.46
CA VAL A 104 6.05 -8.49 -17.13
C VAL A 104 6.21 -7.28 -18.04
N ALA A 105 7.19 -6.44 -17.72
CA ALA A 105 7.49 -5.18 -18.38
C ALA A 105 8.86 -5.25 -19.03
N ALA A 106 9.19 -4.26 -19.86
CA ALA A 106 10.42 -4.26 -20.66
C ALA A 106 11.60 -3.56 -19.98
N ASN A 107 12.82 -4.15 -20.12
CA ASN A 107 14.07 -3.45 -19.84
C ASN A 107 14.44 -2.73 -21.13
N ARG A 108 15.08 -1.57 -20.97
CA ARG A 108 15.28 -0.62 -22.06
C ARG A 108 16.45 0.27 -21.69
N THR A 109 17.00 1.01 -22.67
CA THR A 109 18.08 1.96 -22.38
C THR A 109 17.54 3.29 -21.84
N VAL A 110 18.35 3.97 -21.02
CA VAL A 110 17.95 5.21 -20.36
C VAL A 110 17.45 6.22 -21.40
N ALA A 111 16.41 6.95 -21.03
CA ALA A 111 15.89 7.99 -21.90
C ALA A 111 15.45 9.18 -21.06
N ALA A 112 16.06 10.34 -21.31
CA ALA A 112 15.66 11.52 -20.56
C ALA A 112 14.31 12.02 -21.08
N PRO A 113 13.52 12.62 -20.20
CA PRO A 113 12.20 13.11 -20.61
C PRO A 113 12.29 14.50 -21.23
N SER A 114 11.38 14.78 -22.17
CA SER A 114 11.18 16.15 -22.62
C SER A 114 10.11 16.77 -21.74
N VAL A 115 10.35 17.98 -21.25
CA VAL A 115 9.47 18.60 -20.26
C VAL A 115 8.66 19.71 -20.92
N PHE A 116 7.38 19.76 -20.61
CA PHE A 116 6.47 20.77 -21.14
C PHE A 116 5.68 21.34 -19.98
N ILE A 117 5.23 22.59 -20.10
CA ILE A 117 4.41 23.21 -19.06
C ILE A 117 3.21 23.93 -19.66
N PHE A 118 2.06 23.81 -18.99
CA PHE A 118 0.80 24.40 -19.42
C PHE A 118 0.21 25.29 -18.33
N PRO A 119 0.01 26.58 -18.61
CA PRO A 119 -0.71 27.45 -17.69
C PRO A 119 -2.20 27.19 -17.79
N PRO A 120 -3.01 27.74 -16.88
CA PRO A 120 -4.44 27.41 -16.88
C PRO A 120 -5.20 28.10 -18.00
N SER A 121 -6.18 27.38 -18.51
CA SER A 121 -7.00 27.86 -19.61
C SER A 121 -7.84 29.04 -19.15
N ASP A 122 -7.90 30.07 -19.99
CA ASP A 122 -8.73 31.22 -19.67
C ASP A 122 -10.12 30.77 -19.25
N GLU A 123 -10.70 29.86 -20.05
CA GLU A 123 -11.98 29.26 -19.71
C GLU A 123 -12.00 28.77 -18.27
N GLN A 124 -10.92 28.11 -17.85
CA GLN A 124 -10.89 27.55 -16.50
C GLN A 124 -10.72 28.64 -15.44
N LEU A 125 -9.99 29.73 -15.74
CA LEU A 125 -9.89 30.83 -14.77
C LEU A 125 -11.23 31.53 -14.54
N LYS A 126 -12.06 31.65 -15.60
CA LYS A 126 -13.42 32.15 -15.40
C LYS A 126 -14.19 31.28 -14.40
N SER A 127 -14.04 29.95 -14.50
CA SER A 127 -14.74 29.04 -13.60
C SER A 127 -14.32 29.18 -12.13
N GLY A 128 -13.13 29.72 -11.84
CA GLY A 128 -12.74 30.07 -10.49
C GLY A 128 -11.63 29.23 -9.87
N THR A 129 -11.09 28.26 -10.60
CA THR A 129 -9.92 27.52 -10.19
C THR A 129 -8.89 27.59 -11.30
N ALA A 130 -7.68 27.11 -11.01
CA ALA A 130 -6.58 27.16 -11.97
C ALA A 130 -5.74 25.92 -11.81
N SER A 131 -5.60 25.15 -12.89
CA SER A 131 -4.77 23.96 -12.91
C SER A 131 -3.60 24.22 -13.87
N VAL A 132 -2.39 23.92 -13.42
CA VAL A 132 -1.24 24.02 -14.29
C VAL A 132 -0.62 22.62 -14.40
N VAL A 133 -0.28 22.25 -15.61
CA VAL A 133 0.16 20.90 -15.90
C VAL A 133 1.64 20.93 -16.21
N CYS A 134 2.39 20.02 -15.62
CA CYS A 134 3.74 19.72 -16.07
C CYS A 134 3.68 18.37 -16.74
N LEU A 135 4.23 18.27 -17.94
CA LEU A 135 4.27 17.02 -18.68
C LEU A 135 5.70 16.56 -18.84
N LEU A 136 5.96 15.30 -18.53
CA LEU A 136 7.25 14.66 -18.77
C LEU A 136 7.03 13.55 -19.80
N ASN A 137 7.56 13.76 -21.00
CA ASN A 137 7.26 12.85 -22.09
C ASN A 137 8.42 11.92 -22.41
N ASN A 138 8.07 10.64 -22.52
CA ASN A 138 8.82 9.54 -23.13
C ASN A 138 10.22 9.37 -22.55
N PHE A 139 10.24 8.83 -21.34
CA PHE A 139 11.46 8.60 -20.57
C PHE A 139 11.48 7.19 -20.01
N TYR A 140 12.66 6.79 -19.51
CA TYR A 140 12.89 5.50 -18.85
C TYR A 140 14.20 5.59 -18.10
N PRO A 141 14.28 5.11 -16.85
CA PRO A 141 13.30 4.35 -16.05
C PRO A 141 12.12 5.15 -15.43
N ARG A 142 11.20 4.44 -14.76
CA ARG A 142 9.94 5.03 -14.32
C ARG A 142 10.16 6.09 -13.24
N GLU A 143 11.25 6.00 -12.49
CA GLU A 143 11.48 6.88 -11.36
C GLU A 143 11.81 8.29 -11.85
N ALA A 144 11.02 9.28 -11.42
CA ALA A 144 11.29 10.66 -11.79
C ALA A 144 10.80 11.54 -10.67
N LYS A 145 11.55 12.60 -10.38
CA LYS A 145 11.19 13.53 -9.33
C LYS A 145 10.72 14.82 -9.97
N VAL A 146 9.57 15.31 -9.52
CA VAL A 146 8.94 16.51 -10.07
C VAL A 146 8.56 17.44 -8.92
N GLN A 147 9.27 18.54 -8.77
CA GLN A 147 8.97 19.52 -7.73
C GLN A 147 8.42 20.80 -8.35
N TRP A 148 7.43 21.40 -7.69
CA TRP A 148 6.81 22.65 -8.12
C TRP A 148 7.36 23.80 -7.28
N LYS A 149 7.66 24.93 -7.93
CA LYS A 149 8.15 26.10 -7.20
C LYS A 149 7.40 27.34 -7.66
N VAL A 150 6.79 28.04 -6.72
CA VAL A 150 6.05 29.26 -7.00
C VAL A 150 6.77 30.40 -6.29
N ASP A 151 7.34 31.31 -7.08
CA ASP A 151 8.11 32.41 -6.53
C ASP A 151 9.18 31.88 -5.57
N ASN A 152 9.79 30.77 -5.97
CA ASN A 152 10.87 30.00 -5.34
C ASN A 152 10.46 29.12 -4.18
N ALA A 153 9.18 29.04 -3.82
CA ALA A 153 8.72 28.19 -2.72
C ALA A 153 8.14 26.84 -3.22
N LEU A 154 8.43 25.78 -2.47
CA LEU A 154 7.97 24.43 -2.79
C LEU A 154 6.52 24.28 -2.33
N GLN A 155 5.77 23.47 -3.06
CA GLN A 155 4.33 23.35 -2.85
C GLN A 155 3.58 22.33 -2.01
N SER A 156 4.27 21.44 -1.31
CA SER A 156 3.56 20.50 -0.42
C SER A 156 2.52 19.62 -1.12
N GLY A 157 1.27 19.78 -0.70
CA GLY A 157 0.16 18.98 -1.20
C GLY A 157 -0.62 19.59 -2.33
N ASN A 158 -0.08 20.63 -2.92
CA ASN A 158 -0.74 21.30 -4.02
C ASN A 158 -0.99 20.47 -5.28
N SER A 159 -0.12 19.51 -5.56
CA SER A 159 -0.18 18.73 -6.79
C SER A 159 -0.45 17.25 -6.77
N GLN A 160 -0.97 16.73 -7.88
CA GLN A 160 -1.24 15.31 -8.08
C GLN A 160 -0.46 14.81 -9.29
N GLU A 161 0.00 13.57 -9.22
CA GLU A 161 0.74 12.98 -10.33
C GLU A 161 -0.01 11.79 -10.92
N SER A 162 0.29 11.53 -12.19
CA SER A 162 -0.27 10.40 -12.93
C SER A 162 0.78 9.90 -13.93
N VAL A 163 0.79 8.58 -14.20
CA VAL A 163 1.82 7.93 -15.02
C VAL A 163 1.18 6.93 -15.97
N THR A 164 1.51 7.01 -17.26
CA THR A 164 0.94 6.11 -18.26
C THR A 164 1.48 4.68 -18.06
N GLU A 165 0.85 3.72 -18.74
CA GLU A 165 1.55 2.46 -18.82
C GLU A 165 2.66 2.54 -19.86
N GLN A 166 3.57 1.58 -19.76
CA GLN A 166 4.70 1.51 -20.66
C GLN A 166 4.23 1.43 -22.10
N ASP A 167 4.86 2.21 -22.95
CA ASP A 167 4.49 2.25 -24.35
C ASP A 167 4.81 0.93 -25.01
N SER A 168 3.91 0.44 -25.86
CA SER A 168 4.07 -0.86 -26.50
C SER A 168 5.35 -0.95 -27.36
N LYS A 169 5.64 0.09 -28.16
CA LYS A 169 6.81 0.11 -29.05
C LYS A 169 7.98 0.89 -28.47
N ASP A 170 7.67 2.05 -27.90
CA ASP A 170 8.65 2.93 -27.27
C ASP A 170 9.31 2.24 -26.08
N SER A 171 8.53 1.44 -25.35
CA SER A 171 8.90 0.86 -24.06
C SER A 171 9.18 1.92 -23.00
N THR A 172 8.49 3.06 -23.06
CA THR A 172 8.75 4.18 -22.15
C THR A 172 7.46 4.71 -21.54
N TYR A 173 7.64 5.52 -20.50
CA TYR A 173 6.57 6.12 -19.72
C TYR A 173 6.50 7.63 -19.96
N SER A 174 5.33 8.20 -19.67
CA SER A 174 5.11 9.65 -19.57
C SER A 174 4.32 9.94 -18.31
N LEU A 175 4.47 11.16 -17.78
CA LEU A 175 3.97 11.50 -16.45
C LEU A 175 3.43 12.93 -16.46
N SER A 176 2.30 13.14 -15.80
CA SER A 176 1.74 14.47 -15.63
C SER A 176 1.74 14.81 -14.16
N SER A 177 2.34 15.93 -13.80
CA SER A 177 2.17 16.52 -12.46
C SER A 177 1.30 17.74 -12.62
N THR A 178 0.05 17.66 -12.21
CA THR A 178 -0.84 18.80 -12.31
C THR A 178 -1.00 19.42 -10.92
N LEU A 179 -0.72 20.71 -10.84
CA LEU A 179 -0.85 21.48 -9.60
C LEU A 179 -2.13 22.32 -9.67
N THR A 180 -3.03 22.11 -8.70
CA THR A 180 -4.34 22.73 -8.70
C THR A 180 -4.43 23.77 -7.59
N LEU A 181 -5.03 24.92 -7.91
CA LEU A 181 -5.02 26.09 -7.04
C LEU A 181 -6.34 26.83 -7.17
N SER A 182 -6.68 27.57 -6.12
CA SER A 182 -7.76 28.54 -6.20
C SER A 182 -7.35 29.69 -7.11
N LYS A 183 -8.33 30.34 -7.75
CA LYS A 183 -8.00 31.49 -8.59
C LYS A 183 -7.31 32.57 -7.78
N ALA A 184 -7.72 32.74 -6.52
CA ALA A 184 -7.07 33.59 -5.53
C ALA A 184 -5.55 33.40 -5.52
N ASP A 185 -5.09 32.24 -5.05
CA ASP A 185 -3.66 31.98 -4.92
C ASP A 185 -2.92 32.19 -6.24
N TYR A 186 -3.50 31.72 -7.36
CA TYR A 186 -2.85 31.88 -8.66
C TYR A 186 -2.68 33.35 -9.03
N GLU A 187 -3.69 34.18 -8.76
CA GLU A 187 -3.57 35.61 -9.06
C GLU A 187 -2.52 36.29 -8.17
N LYS A 188 -2.32 35.76 -6.96
CA LYS A 188 -1.30 36.28 -6.04
C LYS A 188 0.11 36.35 -6.68
N HIS A 189 0.61 35.21 -7.18
CA HIS A 189 2.03 35.03 -7.50
C HIS A 189 2.35 35.25 -8.98
N LYS A 190 3.66 35.31 -9.26
CA LYS A 190 4.18 35.66 -10.59
C LYS A 190 4.79 34.47 -11.33
N VAL A 191 5.86 33.90 -10.78
CA VAL A 191 6.74 33.00 -11.51
C VAL A 191 6.42 31.57 -11.10
N TYR A 192 5.85 30.81 -12.04
CA TYR A 192 5.47 29.42 -11.81
C TYR A 192 6.44 28.51 -12.54
N ALA A 193 7.04 27.57 -11.81
CA ALA A 193 8.10 26.75 -12.36
C ALA A 193 7.96 25.30 -11.93
N CYS A 194 8.40 24.41 -12.81
CA CYS A 194 8.35 22.96 -12.68
C CYS A 194 9.76 22.42 -12.86
N GLU A 195 10.31 21.79 -11.82
CA GLU A 195 11.68 21.28 -11.84
C GLU A 195 11.67 19.75 -11.86
N VAL A 196 12.48 19.17 -12.72
CA VAL A 196 12.49 17.73 -12.99
C VAL A 196 13.89 17.20 -12.76
N THR A 197 13.98 16.10 -12.01
CA THR A 197 15.20 15.33 -11.87
C THR A 197 14.95 13.90 -12.31
N HIS A 198 15.88 13.35 -13.07
CA HIS A 198 15.73 12.00 -13.59
C HIS A 198 17.10 11.49 -14.02
N GLN A 199 17.31 10.18 -13.85
CA GLN A 199 18.53 9.59 -14.36
C GLN A 199 18.58 9.85 -15.87
N GLY A 200 19.78 9.92 -16.42
CA GLY A 200 19.85 10.34 -17.80
C GLY A 200 19.58 11.82 -18.02
N LEU A 201 19.30 12.57 -16.96
CA LEU A 201 19.56 14.00 -16.90
C LEU A 201 20.77 14.21 -15.99
N SER A 202 21.70 15.04 -16.44
CA SER A 202 22.87 15.38 -15.61
C SER A 202 22.52 16.50 -14.63
N SER A 203 21.88 17.59 -15.13
CA SER A 203 21.33 18.67 -14.31
C SER A 203 19.81 18.61 -14.29
N PRO A 204 19.19 18.94 -13.16
CA PRO A 204 17.74 19.14 -13.13
C PRO A 204 17.29 20.12 -14.21
N VAL A 205 16.14 19.82 -14.82
CA VAL A 205 15.58 20.61 -15.91
C VAL A 205 14.37 21.38 -15.41
N THR A 206 14.33 22.69 -15.66
CA THR A 206 13.26 23.56 -15.16
C THR A 206 12.55 24.24 -16.33
N LYS A 207 11.22 24.28 -16.25
CA LYS A 207 10.36 25.01 -17.18
C LYS A 207 9.50 25.97 -16.38
N SER A 208 9.37 27.20 -16.85
CA SER A 208 8.73 28.23 -16.02
C SER A 208 8.07 29.25 -16.93
N PHE A 209 7.03 29.90 -16.39
CA PHE A 209 6.44 31.05 -17.04
C PHE A 209 6.14 32.13 -16.01
N ASN A 210 5.83 33.32 -16.53
CA ASN A 210 5.34 34.41 -15.72
C ASN A 210 3.87 34.56 -16.01
N ARG A 211 3.08 34.57 -14.95
CA ARG A 211 1.65 34.81 -15.06
C ARG A 211 1.39 36.09 -15.86
N GLY A 212 0.60 35.97 -16.92
CA GLY A 212 0.28 37.12 -17.76
C GLY A 212 1.19 37.27 -18.97
N GLY A 213 2.18 38.14 -18.87
CA GLY A 213 3.11 38.38 -19.95
C GLY A 213 4.28 37.41 -19.93
N VAL B 2 -17.08 -15.76 -33.70
CA VAL B 2 -17.73 -15.68 -32.38
C VAL B 2 -17.35 -14.40 -31.61
N GLN B 3 -18.34 -13.56 -31.31
CA GLN B 3 -18.17 -12.27 -30.64
C GLN B 3 -19.02 -12.19 -29.37
N LEU B 4 -18.49 -11.51 -28.34
CA LEU B 4 -19.14 -11.39 -27.03
C LEU B 4 -19.16 -9.91 -26.60
N VAL B 5 -20.34 -9.29 -26.62
CA VAL B 5 -20.47 -7.86 -26.26
C VAL B 5 -21.30 -7.76 -24.98
N GLU B 6 -20.64 -7.35 -23.88
CA GLU B 6 -21.30 -7.10 -22.61
C GLU B 6 -21.80 -5.67 -22.50
N SER B 7 -22.88 -5.49 -21.74
CA SER B 7 -23.48 -4.18 -21.58
C SER B 7 -24.31 -4.16 -20.31
N GLY B 8 -24.57 -2.94 -19.84
CA GLY B 8 -25.37 -2.65 -18.68
C GLY B 8 -25.16 -1.21 -18.24
N PRO B 9 -25.61 -0.85 -17.03
CA PRO B 9 -25.45 0.52 -16.55
C PRO B 9 -24.03 0.81 -16.08
N GLY B 10 -23.68 2.09 -16.07
CA GLY B 10 -22.39 2.48 -15.55
C GLY B 10 -22.37 2.58 -14.05
N LEU B 11 -23.45 3.08 -13.46
CA LEU B 11 -23.50 3.39 -12.04
C LEU B 11 -24.75 2.77 -11.46
N VAL B 12 -24.62 2.15 -10.28
CA VAL B 12 -25.74 1.50 -9.62
C VAL B 12 -25.80 1.97 -8.17
N GLN B 13 -27.04 2.25 -7.69
CA GLN B 13 -27.28 2.72 -6.34
C GLN B 13 -27.14 1.56 -5.35
N PRO B 14 -26.61 1.82 -4.14
CA PRO B 14 -26.53 0.76 -3.12
C PRO B 14 -27.88 0.20 -2.74
N TRP B 15 -27.88 -1.08 -2.38
CA TRP B 15 -29.08 -1.88 -2.13
C TRP B 15 -29.93 -2.12 -3.36
N GLY B 16 -29.45 -1.71 -4.55
CA GLY B 16 -30.16 -1.98 -5.78
C GLY B 16 -29.78 -3.34 -6.31
N THR B 17 -30.37 -3.70 -7.45
CA THR B 17 -30.00 -4.92 -8.14
C THR B 17 -29.45 -4.53 -9.50
N LEU B 18 -28.28 -5.07 -9.81
CA LEU B 18 -27.47 -4.69 -10.96
C LEU B 18 -27.55 -5.79 -12.01
N SER B 19 -28.02 -5.45 -13.20
CA SER B 19 -28.21 -6.41 -14.27
C SER B 19 -27.30 -6.12 -15.45
N LEU B 20 -26.58 -7.14 -15.90
CA LEU B 20 -25.77 -7.05 -17.11
C LEU B 20 -26.24 -8.11 -18.10
N THR B 21 -26.04 -7.81 -19.37
CA THR B 21 -26.43 -8.70 -20.44
C THR B 21 -25.26 -8.82 -21.39
N CYS B 22 -25.02 -10.04 -21.85
CA CYS B 22 -23.97 -10.33 -22.79
C CYS B 22 -24.58 -10.91 -24.05
N ARG B 23 -24.45 -10.19 -25.18
CA ARG B 23 -24.95 -10.65 -26.48
C ARG B 23 -23.86 -11.49 -27.14
N VAL B 24 -24.22 -12.73 -27.48
CA VAL B 24 -23.33 -13.74 -28.05
C VAL B 24 -23.54 -13.79 -29.56
N SER B 25 -22.48 -13.50 -30.33
CA SER B 25 -22.60 -13.23 -31.77
C SER B 25 -22.05 -14.35 -32.68
N GLY B 26 -21.61 -15.47 -32.13
CA GLY B 26 -21.10 -16.52 -33.00
C GLY B 26 -22.05 -17.68 -33.24
N ASP B 27 -22.40 -18.38 -32.17
CA ASP B 27 -23.29 -19.54 -32.25
C ASP B 27 -24.31 -19.45 -31.14
N SER B 28 -25.27 -20.39 -31.14
CA SER B 28 -26.39 -20.37 -30.22
C SER B 28 -25.94 -20.70 -28.80
N VAL B 29 -26.59 -20.08 -27.81
CA VAL B 29 -26.24 -20.35 -26.41
C VAL B 29 -26.67 -21.75 -25.97
N SER B 30 -27.66 -22.34 -26.65
CA SER B 30 -28.06 -23.73 -26.49
C SER B 30 -27.17 -24.70 -27.26
N ASN B 31 -25.99 -24.24 -27.70
CA ASN B 31 -25.01 -25.08 -28.38
C ASN B 31 -24.64 -26.34 -27.59
N ASP B 32 -24.74 -26.31 -26.25
CA ASP B 32 -24.50 -27.47 -25.38
C ASP B 32 -23.10 -28.08 -25.51
N ASN B 33 -22.24 -27.55 -26.39
CA ASN B 33 -20.80 -27.78 -26.28
C ASN B 33 -20.16 -26.77 -25.36
N TYR B 34 -20.91 -25.76 -24.91
CA TYR B 34 -20.37 -24.68 -24.10
C TYR B 34 -21.26 -24.40 -22.89
N TYR B 35 -20.61 -24.11 -21.77
CA TYR B 35 -21.20 -23.32 -20.70
C TYR B 35 -20.84 -21.85 -20.89
N TRP B 36 -21.55 -20.99 -20.18
CA TRP B 36 -21.29 -19.56 -20.21
C TRP B 36 -21.16 -19.06 -18.78
N ALA B 37 -20.36 -18.01 -18.59
CA ALA B 37 -20.00 -17.65 -17.22
C ALA B 37 -19.73 -16.16 -17.11
N TRP B 38 -19.75 -15.69 -15.88
CA TRP B 38 -19.42 -14.30 -15.55
C TRP B 38 -18.26 -14.31 -14.57
N ILE B 39 -17.25 -13.50 -14.86
CA ILE B 39 -16.03 -13.42 -14.05
C ILE B 39 -15.73 -11.95 -13.86
N ARG B 40 -15.29 -11.54 -12.68
CA ARG B 40 -15.10 -10.10 -12.48
C ARG B 40 -13.74 -9.83 -11.86
N GLN B 41 -13.24 -8.64 -12.17
CA GLN B 41 -11.98 -8.16 -11.62
C GLN B 41 -12.24 -6.91 -10.79
N THR B 42 -11.81 -6.93 -9.54
CA THR B 42 -11.95 -5.78 -8.67
C THR B 42 -10.78 -4.84 -8.86
N PRO B 43 -10.98 -3.54 -8.59
CA PRO B 43 -9.83 -2.64 -8.56
C PRO B 43 -8.92 -3.15 -7.46
N GLY B 44 -7.68 -3.45 -7.83
CA GLY B 44 -6.81 -4.24 -6.99
C GLY B 44 -6.53 -5.57 -7.64
N ARG B 45 -6.97 -5.72 -8.88
CA ARG B 45 -6.55 -6.84 -9.71
C ARG B 45 -6.94 -8.24 -9.31
N GLU B 46 -7.84 -8.39 -8.36
CA GLU B 46 -8.26 -9.74 -8.03
C GLU B 46 -9.42 -10.24 -8.89
N LEU B 47 -9.33 -11.47 -9.39
CA LEU B 47 -10.30 -12.17 -10.27
C LEU B 47 -11.20 -13.14 -9.50
N GLN B 48 -12.48 -12.86 -9.54
CA GLN B 48 -13.50 -13.60 -8.84
C GLN B 48 -14.40 -14.10 -9.97
N VAL B 49 -14.80 -15.37 -9.83
CA VAL B 49 -15.66 -16.05 -10.78
C VAL B 49 -17.08 -16.11 -10.24
N ILE B 50 -17.92 -15.19 -10.71
CA ILE B 50 -19.31 -15.09 -10.28
C ILE B 50 -20.29 -16.25 -10.53
N GLY B 51 -20.29 -16.84 -11.72
CA GLY B 51 -21.23 -17.91 -12.01
C GLY B 51 -21.00 -18.85 -13.19
N THR B 52 -21.71 -19.99 -13.17
CA THR B 52 -21.66 -20.99 -14.23
C THR B 52 -23.08 -21.39 -14.67
N ILE B 53 -23.31 -21.52 -15.98
CA ILE B 53 -24.62 -21.88 -16.50
C ILE B 53 -24.58 -22.83 -17.72
N TYR B 54 -25.66 -23.57 -17.96
CA TYR B 54 -25.73 -24.49 -19.08
C TYR B 54 -27.07 -24.34 -19.80
N TYR B 55 -27.08 -24.62 -21.10
CA TYR B 55 -28.29 -24.60 -21.92
C TYR B 55 -29.51 -25.27 -21.27
N SER B 56 -29.27 -26.27 -20.41
CA SER B 56 -30.37 -27.02 -19.81
C SER B 56 -31.05 -26.26 -18.67
N GLY B 57 -30.44 -25.21 -18.14
CA GLY B 57 -30.99 -24.42 -17.05
C GLY B 57 -30.20 -24.47 -15.76
N THR B 58 -29.28 -25.42 -15.62
CA THR B 58 -28.54 -25.59 -14.37
C THR B 58 -27.48 -24.51 -14.19
N THR B 59 -27.38 -24.01 -12.96
CA THR B 59 -26.46 -22.91 -12.62
C THR B 59 -25.53 -23.32 -11.49
N TYR B 60 -24.33 -22.73 -11.50
CA TYR B 60 -23.42 -22.77 -10.36
C TYR B 60 -23.15 -21.33 -9.91
N TYR B 61 -23.19 -21.10 -8.60
CA TYR B 61 -22.92 -19.77 -8.06
C TYR B 61 -21.82 -19.86 -7.00
N ASN B 62 -20.90 -18.89 -7.03
CA ASN B 62 -19.87 -18.80 -6.00
C ASN B 62 -20.53 -18.69 -4.63
N PRO B 63 -20.15 -19.52 -3.65
CA PRO B 63 -20.82 -19.48 -2.34
C PRO B 63 -20.96 -18.08 -1.75
N SER B 64 -19.92 -17.27 -1.79
CA SER B 64 -19.98 -15.95 -1.16
C SER B 64 -21.03 -15.05 -1.78
N LEU B 65 -21.58 -15.41 -2.94
CA LEU B 65 -22.64 -14.63 -3.57
C LEU B 65 -23.95 -15.39 -3.68
N ARG B 66 -23.96 -16.69 -3.39
CA ARG B 66 -25.07 -17.56 -3.78
C ARG B 66 -26.43 -17.05 -3.30
N ASN B 67 -26.46 -16.46 -2.11
CA ASN B 67 -27.70 -15.91 -1.54
C ASN B 67 -28.36 -14.82 -2.38
N ARG B 68 -27.66 -14.23 -3.40
CA ARG B 68 -28.13 -13.00 -4.03
C ARG B 68 -27.76 -12.81 -5.51
N VAL B 69 -27.50 -13.87 -6.26
CA VAL B 69 -27.16 -13.75 -7.67
C VAL B 69 -28.02 -14.72 -8.45
N THR B 70 -28.34 -14.36 -9.70
CA THR B 70 -29.00 -15.31 -10.59
C THR B 70 -28.48 -15.08 -12.00
N ILE B 71 -28.12 -16.17 -12.69
CA ILE B 71 -27.72 -16.14 -14.10
C ILE B 71 -28.75 -16.93 -14.89
N SER B 72 -29.01 -16.48 -16.12
CA SER B 72 -29.96 -17.24 -16.94
C SER B 72 -29.70 -16.96 -18.41
N LEU B 73 -30.10 -17.92 -19.25
CA LEU B 73 -30.05 -17.73 -20.68
C LEU B 73 -31.38 -17.20 -21.18
N ASP B 74 -31.31 -16.33 -22.17
CA ASP B 74 -32.47 -15.85 -22.90
C ASP B 74 -32.20 -16.34 -24.33
N LYS B 75 -32.76 -17.52 -24.64
CA LYS B 75 -32.42 -18.23 -25.88
C LYS B 75 -32.90 -17.48 -27.13
N SER B 76 -34.01 -16.75 -27.01
CA SER B 76 -34.66 -16.19 -28.19
C SER B 76 -33.84 -15.08 -28.85
N VAL B 77 -33.05 -14.35 -28.07
CA VAL B 77 -32.20 -13.30 -28.60
C VAL B 77 -30.73 -13.61 -28.43
N ASN B 78 -30.42 -14.80 -27.90
CA ASN B 78 -29.04 -15.32 -27.74
C ASN B 78 -28.22 -14.52 -26.73
N VAL B 79 -28.82 -14.16 -25.60
CA VAL B 79 -28.10 -13.41 -24.58
C VAL B 79 -27.98 -14.24 -23.32
N VAL B 80 -26.99 -13.88 -22.51
CA VAL B 80 -26.86 -14.44 -21.18
C VAL B 80 -26.91 -13.28 -20.19
N SER B 81 -27.75 -13.44 -19.17
CA SER B 81 -28.07 -12.38 -18.24
C SER B 81 -27.47 -12.71 -16.89
N LEU B 82 -27.06 -11.64 -16.20
CA LEU B 82 -26.61 -11.68 -14.82
C LEU B 82 -27.40 -10.64 -14.04
N ARG B 83 -27.99 -11.07 -12.93
CA ARG B 83 -28.62 -10.16 -11.97
C ARG B 83 -27.88 -10.34 -10.67
N LEU B 84 -27.51 -9.25 -10.03
CA LEU B 84 -26.84 -9.26 -8.73
C LEU B 84 -27.52 -8.26 -7.79
N GLY B 85 -28.16 -8.77 -6.73
CA GLY B 85 -28.98 -7.96 -5.85
C GLY B 85 -28.29 -7.60 -4.54
N SER B 86 -28.91 -6.65 -3.82
CA SER B 86 -28.37 -6.12 -2.55
C SER B 86 -26.91 -5.71 -2.72
N VAL B 87 -26.66 -4.94 -3.77
CA VAL B 87 -25.31 -4.68 -4.25
C VAL B 87 -24.70 -3.58 -3.39
N SER B 88 -23.41 -3.72 -3.05
CA SER B 88 -22.73 -2.72 -2.24
C SER B 88 -21.54 -2.12 -3.00
N ALA B 89 -20.83 -1.22 -2.31
CA ALA B 89 -19.61 -0.63 -2.84
C ALA B 89 -18.59 -1.67 -3.28
N ALA B 90 -18.47 -2.78 -2.56
CA ALA B 90 -17.54 -3.85 -2.87
C ALA B 90 -17.90 -4.61 -4.14
N ASP B 91 -18.97 -4.23 -4.83
CA ASP B 91 -19.30 -4.83 -6.12
C ASP B 91 -18.81 -3.98 -7.27
N THR B 92 -18.08 -2.91 -6.99
CA THR B 92 -17.48 -2.09 -8.04
C THR B 92 -16.39 -2.90 -8.72
N ALA B 93 -16.57 -3.18 -10.00
CA ALA B 93 -15.63 -4.09 -10.66
C ALA B 93 -15.86 -4.05 -12.16
N GLN B 94 -14.90 -4.64 -12.89
CA GLN B 94 -15.04 -4.97 -14.31
C GLN B 94 -15.68 -6.35 -14.42
N TYR B 95 -16.74 -6.46 -15.20
CA TYR B 95 -17.54 -7.69 -15.32
C TYR B 95 -17.36 -8.25 -16.72
N TYR B 96 -16.73 -9.42 -16.82
CA TYR B 96 -16.46 -10.11 -18.06
C TYR B 96 -17.45 -11.24 -18.27
N CYS B 97 -17.91 -11.38 -19.52
CA CYS B 97 -18.68 -12.52 -19.99
C CYS B 97 -17.74 -13.50 -20.67
N VAL B 98 -17.96 -14.80 -20.48
CA VAL B 98 -16.93 -15.80 -20.76
C VAL B 98 -17.55 -17.09 -21.28
N ARG B 99 -16.82 -17.80 -22.16
CA ARG B 99 -17.22 -19.08 -22.72
C ARG B 99 -16.36 -20.23 -22.20
N MET B 100 -16.97 -21.42 -22.01
CA MET B 100 -16.24 -22.54 -21.45
C MET B 100 -16.59 -23.88 -22.11
N PRO B 101 -15.65 -24.49 -22.84
CA PRO B 101 -15.88 -25.82 -23.42
C PRO B 101 -16.38 -26.86 -22.41
N SER B 102 -17.44 -27.56 -22.80
CA SER B 102 -17.95 -28.74 -22.10
C SER B 102 -17.42 -29.99 -22.80
N HIS B 103 -16.34 -30.58 -22.29
CA HIS B 103 -15.79 -31.79 -22.91
C HIS B 103 -16.50 -33.04 -22.38
N GLY B 104 -17.07 -33.83 -23.30
CA GLY B 104 -17.80 -35.02 -22.94
C GLY B 104 -16.90 -36.18 -22.51
N PHE B 105 -17.57 -37.23 -22.00
CA PHE B 105 -16.88 -38.35 -21.35
C PHE B 105 -15.77 -38.97 -22.21
N TRP B 106 -15.98 -39.13 -23.51
CA TRP B 106 -14.98 -39.79 -24.32
C TRP B 106 -13.97 -38.84 -24.97
N SER B 107 -14.16 -37.52 -24.78
CA SER B 107 -13.21 -36.53 -25.25
C SER B 107 -11.83 -36.81 -24.65
N THR B 108 -10.78 -36.65 -25.46
CA THR B 108 -9.41 -36.74 -24.93
C THR B 108 -9.24 -35.84 -23.72
N SER B 109 -9.92 -34.71 -23.70
CA SER B 109 -9.71 -33.71 -22.66
C SER B 109 -10.91 -33.59 -21.73
N PHE B 110 -11.38 -34.73 -21.23
CA PHE B 110 -12.52 -34.78 -20.32
C PHE B 110 -12.06 -34.37 -18.92
N SER B 111 -12.92 -33.59 -18.26
CA SER B 111 -12.75 -33.00 -16.91
C SER B 111 -11.83 -31.77 -16.93
N TYR B 112 -11.26 -31.40 -18.07
CA TYR B 112 -10.46 -30.17 -18.16
C TYR B 112 -11.38 -28.99 -18.44
N TRP B 113 -11.47 -28.09 -17.46
CA TRP B 113 -12.37 -26.95 -17.49
C TRP B 113 -11.58 -25.65 -17.55
N TYR B 114 -11.74 -24.90 -18.64
CA TYR B 114 -11.01 -23.64 -18.83
C TYR B 114 -11.88 -22.62 -19.55
N PHE B 115 -11.59 -21.34 -19.34
CA PHE B 115 -12.36 -20.23 -19.92
C PHE B 115 -11.68 -19.80 -21.20
N ASP B 116 -12.23 -20.23 -22.34
CA ASP B 116 -11.48 -20.17 -23.60
C ASP B 116 -11.77 -18.93 -24.42
N LEU B 117 -12.74 -18.12 -24.03
CA LEU B 117 -13.06 -16.93 -24.81
C LEU B 117 -13.66 -15.91 -23.85
N TRP B 118 -13.14 -14.68 -23.90
CA TRP B 118 -13.50 -13.63 -22.95
C TRP B 118 -14.00 -12.41 -23.71
N GLY B 119 -15.01 -11.74 -23.16
CA GLY B 119 -15.44 -10.46 -23.66
C GLY B 119 -14.50 -9.36 -23.22
N ARG B 120 -14.79 -8.13 -23.65
CA ARG B 120 -13.89 -7.04 -23.36
C ARG B 120 -14.01 -6.55 -21.93
N GLY B 121 -15.12 -6.84 -21.26
CA GLY B 121 -15.44 -6.36 -19.94
C GLY B 121 -16.43 -5.20 -19.96
N HIS B 122 -17.02 -4.94 -18.80
CA HIS B 122 -17.90 -3.78 -18.62
C HIS B 122 -17.83 -3.32 -17.17
N PHE B 123 -17.50 -2.05 -16.96
CA PHE B 123 -17.29 -1.52 -15.60
C PHE B 123 -18.59 -1.03 -14.97
N VAL B 124 -18.73 -1.30 -13.67
CA VAL B 124 -19.91 -0.91 -12.91
C VAL B 124 -19.40 -0.28 -11.62
N ALA B 125 -19.71 1.00 -11.42
CA ALA B 125 -19.46 1.65 -10.15
C ALA B 125 -20.74 1.59 -9.31
N VAL B 126 -20.57 1.38 -8.01
CA VAL B 126 -21.68 1.29 -7.06
C VAL B 126 -21.47 2.38 -6.02
N SER B 127 -22.34 3.39 -6.02
CA SER B 127 -22.11 4.57 -5.20
C SER B 127 -23.42 5.29 -4.90
N TRP B 128 -23.48 5.85 -3.69
CA TRP B 128 -24.57 6.77 -3.36
C TRP B 128 -24.48 8.02 -4.22
N ALA B 129 -23.26 8.50 -4.47
CA ALA B 129 -23.03 9.71 -5.25
C ALA B 129 -23.73 9.65 -6.60
N SER B 130 -24.13 10.81 -7.10
CA SER B 130 -24.86 10.95 -8.35
C SER B 130 -23.90 11.21 -9.50
N THR B 131 -24.40 10.99 -10.71
CA THR B 131 -23.58 11.15 -11.90
C THR B 131 -23.16 12.61 -12.05
N LYS B 132 -22.02 12.84 -12.70
CA LYS B 132 -21.58 14.22 -12.94
C LYS B 132 -20.62 14.25 -14.12
N GLY B 133 -20.96 15.01 -15.16
CA GLY B 133 -20.17 15.12 -16.36
C GLY B 133 -18.92 15.96 -16.17
N PRO B 134 -17.94 15.77 -17.05
CA PRO B 134 -16.66 16.47 -16.88
C PRO B 134 -16.70 17.84 -17.57
N SER B 135 -15.86 18.75 -17.06
CA SER B 135 -15.55 19.96 -17.81
C SER B 135 -14.24 19.75 -18.59
N VAL B 136 -14.18 20.31 -19.79
CA VAL B 136 -13.04 20.17 -20.69
C VAL B 136 -12.41 21.54 -20.93
N PHE B 137 -11.10 21.65 -20.64
CA PHE B 137 -10.34 22.88 -20.81
C PHE B 137 -9.14 22.64 -21.72
N PRO B 138 -8.83 23.53 -22.65
CA PRO B 138 -7.68 23.28 -23.51
C PRO B 138 -6.38 23.41 -22.75
N LEU B 139 -5.41 22.58 -23.15
CA LEU B 139 -4.00 22.74 -22.81
C LEU B 139 -3.32 23.19 -24.10
N ALA B 140 -3.23 24.49 -24.30
CA ALA B 140 -2.80 25.07 -25.57
C ALA B 140 -1.28 24.99 -25.73
N PRO B 141 -0.80 24.70 -26.94
CA PRO B 141 0.64 24.75 -27.19
C PRO B 141 1.17 26.18 -27.18
N SER B 142 2.39 26.32 -26.65
CA SER B 142 3.07 27.60 -26.54
C SER B 142 4.54 27.37 -26.84
N SER B 143 5.37 28.40 -26.65
CA SER B 143 6.80 28.12 -26.63
C SER B 143 7.17 27.39 -25.34
N LYS B 144 6.35 27.52 -24.31
CA LYS B 144 6.59 26.80 -23.06
C LYS B 144 6.28 25.31 -23.16
N SER B 145 5.47 24.90 -24.14
CA SER B 145 5.24 23.49 -24.40
C SER B 145 5.84 23.09 -25.76
N THR B 146 7.02 23.59 -26.05
CA THR B 146 7.77 23.19 -27.24
C THR B 146 9.15 22.71 -26.82
N SER B 147 9.60 21.64 -27.49
CA SER B 147 10.95 21.12 -27.35
C SER B 147 11.48 20.83 -28.75
N GLY B 148 12.49 21.58 -29.17
CA GLY B 148 13.00 21.42 -30.53
C GLY B 148 11.92 21.55 -31.59
N GLY B 149 11.87 20.58 -32.50
CA GLY B 149 10.95 20.63 -33.60
C GLY B 149 9.52 20.24 -33.32
N THR B 150 9.18 19.74 -32.12
CA THR B 150 7.86 19.19 -31.85
C THR B 150 7.20 19.94 -30.70
N ALA B 151 5.89 20.16 -30.82
CA ALA B 151 5.10 20.82 -29.81
C ALA B 151 4.15 19.83 -29.15
N ALA B 152 3.84 20.09 -27.90
CA ALA B 152 2.93 19.28 -27.11
C ALA B 152 1.67 20.08 -26.83
N LEU B 153 0.53 19.39 -26.85
CA LEU B 153 -0.74 20.07 -26.60
C LEU B 153 -1.70 19.08 -25.96
N GLY B 154 -2.82 19.57 -25.46
CA GLY B 154 -3.76 18.63 -24.89
C GLY B 154 -5.07 19.28 -24.50
N CYS B 155 -5.83 18.54 -23.70
CA CYS B 155 -7.00 19.08 -23.04
C CYS B 155 -7.21 18.36 -21.71
N LEU B 156 -7.62 19.15 -20.72
CA LEU B 156 -7.85 18.73 -19.34
C LEU B 156 -9.31 18.38 -19.14
N VAL B 157 -9.56 17.15 -18.67
CA VAL B 157 -10.89 16.61 -18.39
C VAL B 157 -11.06 16.56 -16.86
N LYS B 158 -11.70 17.58 -16.28
CA LYS B 158 -11.69 17.78 -14.84
C LYS B 158 -13.08 17.62 -14.25
N ASP B 159 -13.13 17.09 -13.01
CA ASP B 159 -14.32 17.01 -12.17
C ASP B 159 -15.45 16.20 -12.78
N TYR B 160 -15.36 14.88 -12.70
CA TYR B 160 -16.40 13.99 -13.20
C TYR B 160 -16.50 12.78 -12.29
N PHE B 161 -17.68 12.18 -12.27
CA PHE B 161 -17.96 10.95 -11.55
C PHE B 161 -19.14 10.31 -12.27
N PRO B 162 -19.16 8.99 -12.46
CA PRO B 162 -18.18 8.00 -12.04
C PRO B 162 -17.25 7.69 -13.18
N GLU B 163 -16.20 6.93 -12.90
CA GLU B 163 -15.32 6.47 -13.96
C GLU B 163 -16.07 5.50 -14.87
N PRO B 164 -15.75 5.48 -16.18
CA PRO B 164 -14.61 6.07 -16.85
C PRO B 164 -14.98 7.12 -17.89
N VAL B 165 -13.96 7.85 -18.38
CA VAL B 165 -14.09 8.75 -19.53
C VAL B 165 -13.24 8.19 -20.65
N THR B 166 -13.69 8.38 -21.89
CA THR B 166 -12.98 7.96 -23.09
C THR B 166 -12.57 9.20 -23.88
N VAL B 167 -11.30 9.26 -24.30
CA VAL B 167 -10.80 10.43 -25.01
C VAL B 167 -10.17 10.02 -26.34
N SER B 168 -10.51 10.74 -27.40
CA SER B 168 -9.96 10.55 -28.73
C SER B 168 -9.45 11.89 -29.27
N TRP B 169 -8.68 11.84 -30.36
CA TRP B 169 -8.18 13.04 -31.02
C TRP B 169 -8.50 13.05 -32.50
N ASN B 170 -8.93 14.20 -33.00
CA ASN B 170 -9.36 14.37 -34.39
C ASN B 170 -10.26 13.22 -34.85
N SER B 171 -11.16 12.87 -33.98
CA SER B 171 -12.13 11.87 -34.29
C SER B 171 -11.52 10.60 -34.74
N GLY B 172 -10.47 10.20 -34.09
CA GLY B 172 -9.83 8.94 -34.36
C GLY B 172 -8.78 8.93 -35.42
N ALA B 173 -8.71 10.02 -36.18
CA ALA B 173 -7.71 10.14 -37.25
C ALA B 173 -6.32 10.39 -36.70
N LEU B 174 -6.26 10.85 -35.45
CA LEU B 174 -4.99 11.14 -34.80
C LEU B 174 -4.66 10.09 -33.74
N THR B 175 -3.72 9.20 -34.08
CA THR B 175 -3.31 8.14 -33.16
C THR B 175 -1.80 7.90 -33.24
N SER B 176 -1.02 8.94 -32.93
CA SER B 176 0.43 8.84 -32.97
C SER B 176 1.07 9.73 -31.92
N GLY B 177 1.56 9.13 -30.85
CA GLY B 177 2.21 9.87 -29.79
C GLY B 177 1.20 10.38 -28.77
N VAL B 178 -0.01 9.87 -28.84
CA VAL B 178 -1.08 10.28 -27.92
C VAL B 178 -0.91 9.61 -26.55
N HIS B 179 -1.16 10.37 -25.50
CA HIS B 179 -1.04 9.86 -24.13
C HIS B 179 -2.23 10.43 -23.36
N THR B 180 -3.28 9.64 -23.19
CA THR B 180 -4.33 10.03 -22.29
C THR B 180 -4.09 9.26 -21.00
N PHE B 181 -3.82 9.98 -19.92
CA PHE B 181 -3.37 9.41 -18.66
C PHE B 181 -4.53 8.74 -17.93
N PRO B 182 -4.23 7.88 -16.95
CA PRO B 182 -5.26 7.43 -16.01
C PRO B 182 -5.83 8.58 -15.18
N ALA B 183 -7.06 8.36 -14.70
CA ALA B 183 -7.74 9.35 -13.88
C ALA B 183 -7.04 9.46 -12.53
N VAL B 184 -7.29 10.56 -11.82
CA VAL B 184 -6.89 10.68 -10.42
C VAL B 184 -8.11 11.09 -9.61
N LEU B 185 -8.21 10.55 -8.39
CA LEU B 185 -9.30 10.85 -7.48
C LEU B 185 -8.97 12.10 -6.68
N GLN B 186 -9.65 13.20 -6.98
CA GLN B 186 -9.38 14.46 -6.33
C GLN B 186 -9.90 14.45 -4.89
N SER B 187 -9.48 15.45 -4.12
CA SER B 187 -9.96 15.59 -2.74
C SER B 187 -11.49 15.66 -2.70
N SER B 188 -12.08 16.37 -3.66
CA SER B 188 -13.53 16.48 -3.78
C SER B 188 -14.24 15.14 -3.88
N GLY B 189 -13.53 14.07 -4.24
CA GLY B 189 -14.15 12.81 -4.55
C GLY B 189 -14.54 12.63 -6.01
N LEU B 190 -14.17 13.57 -6.86
CA LEU B 190 -14.43 13.48 -8.30
C LEU B 190 -13.11 13.18 -9.02
N TYR B 191 -13.23 12.73 -10.27
CA TYR B 191 -12.08 12.29 -11.04
C TYR B 191 -11.70 13.32 -12.08
N SER B 192 -10.43 13.30 -12.49
CA SER B 192 -9.94 14.19 -13.53
C SER B 192 -8.71 13.57 -14.17
N LEU B 193 -8.53 13.83 -15.46
CA LEU B 193 -7.36 13.36 -16.18
C LEU B 193 -6.98 14.39 -17.23
N SER B 194 -5.91 14.11 -17.96
CA SER B 194 -5.53 14.94 -19.09
C SER B 194 -5.22 14.03 -20.27
N SER B 195 -5.44 14.54 -21.47
CA SER B 195 -5.02 13.84 -22.67
C SER B 195 -4.14 14.77 -23.52
N VAL B 196 -2.96 14.27 -23.92
CA VAL B 196 -1.92 15.08 -24.53
C VAL B 196 -1.37 14.37 -25.76
N VAL B 197 -1.06 15.14 -26.78
CA VAL B 197 -0.43 14.58 -27.97
C VAL B 197 0.76 15.47 -28.34
N THR B 198 1.81 14.84 -28.85
CA THR B 198 2.93 15.58 -29.41
C THR B 198 2.85 15.49 -30.93
N VAL B 199 2.98 16.65 -31.57
CA VAL B 199 2.87 16.77 -33.02
C VAL B 199 4.09 17.57 -33.43
N PRO B 200 4.47 17.59 -34.69
CA PRO B 200 5.55 18.52 -35.13
C PRO B 200 5.09 19.98 -35.11
N SER B 201 5.93 20.85 -34.54
CA SER B 201 5.51 22.24 -34.36
C SER B 201 5.13 22.90 -35.68
N SER B 202 5.78 22.50 -36.78
CA SER B 202 5.42 23.05 -38.07
C SER B 202 3.95 22.85 -38.39
N SER B 203 3.29 21.89 -37.75
CA SER B 203 1.93 21.53 -38.17
C SER B 203 0.86 22.36 -37.49
N LEU B 204 1.22 23.14 -36.48
CA LEU B 204 0.28 24.11 -35.97
C LEU B 204 0.05 25.14 -37.07
N GLY B 205 -1.14 25.74 -37.08
CA GLY B 205 -1.44 26.74 -38.09
C GLY B 205 -1.84 26.21 -39.45
N THR B 206 -1.76 24.91 -39.67
CA THR B 206 -2.25 24.19 -40.84
C THR B 206 -3.20 23.06 -40.45
N GLN B 207 -2.87 22.29 -39.41
CA GLN B 207 -3.67 21.17 -38.93
C GLN B 207 -4.49 21.57 -37.70
N THR B 208 -5.79 21.33 -37.75
CA THR B 208 -6.62 21.54 -36.56
C THR B 208 -6.55 20.34 -35.61
N TYR B 209 -6.56 20.61 -34.31
CA TYR B 209 -6.49 19.57 -33.29
C TYR B 209 -7.70 19.69 -32.38
N ILE B 210 -8.62 18.73 -32.49
CA ILE B 210 -9.82 18.66 -31.67
C ILE B 210 -9.75 17.43 -30.78
N CYS B 211 -10.10 17.58 -29.51
CA CYS B 211 -10.18 16.42 -28.62
C CYS B 211 -11.63 16.10 -28.32
N ASN B 212 -11.96 14.81 -28.34
CA ASN B 212 -13.33 14.30 -28.23
C ASN B 212 -13.45 13.49 -26.95
N VAL B 213 -14.18 14.02 -25.98
CA VAL B 213 -14.41 13.36 -24.69
C VAL B 213 -15.79 12.74 -24.68
N ASP B 214 -15.88 11.54 -24.11
CA ASP B 214 -17.13 10.83 -23.90
C ASP B 214 -17.19 10.37 -22.45
N HIS B 215 -18.37 10.56 -21.83
CA HIS B 215 -18.66 10.11 -20.46
C HIS B 215 -20.08 9.56 -20.49
N LYS B 216 -20.20 8.27 -20.80
CA LYS B 216 -21.51 7.65 -20.96
C LYS B 216 -22.35 7.64 -19.70
N PRO B 217 -21.80 7.51 -18.48
CA PRO B 217 -22.68 7.54 -17.29
C PRO B 217 -23.50 8.83 -17.13
N SER B 218 -23.08 9.97 -17.69
CA SER B 218 -23.91 11.18 -17.64
C SER B 218 -24.35 11.63 -19.03
N ASN B 219 -24.19 10.78 -20.04
CA ASN B 219 -24.44 11.06 -21.46
C ASN B 219 -23.75 12.34 -21.93
N THR B 220 -22.49 12.50 -21.56
CA THR B 220 -21.70 13.66 -21.98
C THR B 220 -20.82 13.32 -23.18
N LYS B 221 -20.94 14.10 -24.26
CA LYS B 221 -19.96 14.13 -25.34
C LYS B 221 -19.54 15.58 -25.51
N VAL B 222 -18.24 15.83 -25.57
CA VAL B 222 -17.70 17.18 -25.68
C VAL B 222 -16.57 17.17 -26.70
N ASP B 223 -16.58 18.15 -27.59
CA ASP B 223 -15.48 18.37 -28.53
C ASP B 223 -14.87 19.72 -28.23
N LYS B 224 -13.65 19.71 -27.71
CA LYS B 224 -12.96 20.95 -27.39
C LYS B 224 -11.85 21.14 -28.40
N LYS B 225 -11.84 22.30 -29.04
CA LYS B 225 -10.81 22.66 -30.01
C LYS B 225 -9.64 23.32 -29.30
N VAL B 226 -8.43 22.96 -29.69
CA VAL B 226 -7.23 23.42 -29.02
C VAL B 226 -6.47 24.28 -30.01
N GLU B 227 -6.36 25.60 -29.70
CA GLU B 227 -5.75 26.55 -30.61
C GLU B 227 -4.35 26.95 -30.16
N PRO B 228 -3.43 27.13 -31.10
CA PRO B 228 -2.07 27.58 -30.73
C PRO B 228 -2.03 29.02 -30.22
N LYS B 229 -1.12 29.26 -29.26
CA LYS B 229 -1.02 30.46 -28.43
C LYS B 229 -0.17 31.61 -28.99
N SER B 230 0.96 31.31 -29.64
CA SER B 230 1.99 32.34 -29.99
C SER B 230 2.61 32.99 -28.75
N CYS B 231 3.04 32.17 -27.79
CA CYS B 231 3.48 32.57 -26.44
C CYS B 231 3.99 34.02 -26.32
N ASP C 1 -19.24 0.22 26.97
CA ASP C 1 -18.28 0.46 25.89
C ASP C 1 -18.25 -0.74 24.96
N ILE C 2 -18.19 -0.51 23.64
CA ILE C 2 -18.21 -1.62 22.69
C ILE C 2 -16.85 -2.34 22.71
N GLN C 3 -16.86 -3.63 23.02
CA GLN C 3 -15.66 -4.45 23.01
C GLN C 3 -15.31 -4.91 21.60
N MET C 4 -14.02 -4.85 21.25
CA MET C 4 -13.49 -5.17 19.92
C MET C 4 -12.46 -6.31 19.98
N THR C 5 -12.59 -7.29 19.09
CA THR C 5 -11.56 -8.34 19.05
C THR C 5 -11.29 -8.74 17.60
N GLN C 6 -10.02 -8.74 17.23
CA GLN C 6 -9.55 -9.13 15.91
C GLN C 6 -9.05 -10.57 15.96
N SER C 7 -9.11 -11.25 14.81
CA SER C 7 -8.55 -12.60 14.66
C SER C 7 -7.88 -12.74 13.29
N PRO C 8 -6.71 -13.39 13.22
CA PRO C 8 -5.92 -13.92 14.33
C PRO C 8 -5.08 -12.83 14.97
N SER C 9 -4.54 -13.07 16.17
CA SER C 9 -3.71 -12.04 16.82
C SER C 9 -2.42 -11.77 16.04
N SER C 10 -1.73 -12.84 15.64
CA SER C 10 -0.53 -12.75 14.83
C SER C 10 -0.61 -13.73 13.67
N LEU C 11 0.01 -13.36 12.54
CA LEU C 11 0.11 -14.26 11.41
C LEU C 11 1.36 -13.93 10.61
N SER C 12 1.71 -14.84 9.67
CA SER C 12 2.78 -14.61 8.72
C SER C 12 2.37 -15.05 7.32
N ALA C 13 2.93 -14.38 6.32
CA ALA C 13 2.57 -14.57 4.91
C ALA C 13 3.82 -14.42 4.04
N SER C 14 3.84 -15.14 2.92
CA SER C 14 4.88 -14.96 1.91
C SER C 14 4.48 -13.82 0.97
N VAL C 15 5.48 -13.08 0.46
CA VAL C 15 5.20 -11.99 -0.47
C VAL C 15 4.40 -12.50 -1.66
N GLY C 16 3.28 -11.81 -1.94
CA GLY C 16 2.34 -12.18 -2.97
C GLY C 16 1.03 -12.75 -2.44
N ASP C 17 1.07 -13.39 -1.26
CA ASP C 17 -0.11 -14.04 -0.69
C ASP C 17 -1.25 -13.04 -0.46
N LYS C 18 -2.47 -13.58 -0.48
CA LYS C 18 -3.66 -12.87 -0.01
C LYS C 18 -3.82 -13.07 1.49
N VAL C 19 -4.18 -11.99 2.19
CA VAL C 19 -4.29 -12.01 3.64
C VAL C 19 -5.60 -11.36 4.05
N THR C 20 -6.43 -12.06 4.84
CA THR C 20 -7.64 -11.46 5.40
C THR C 20 -7.56 -11.44 6.93
N ILE C 21 -7.97 -10.31 7.51
CA ILE C 21 -7.95 -10.06 8.96
C ILE C 21 -9.37 -9.74 9.38
N THR C 22 -9.87 -10.44 10.39
CA THR C 22 -11.29 -10.35 10.76
C THR C 22 -11.46 -9.55 12.05
N CYS C 23 -12.51 -8.73 12.11
CA CYS C 23 -12.77 -7.85 13.25
C CYS C 23 -14.21 -8.05 13.68
N ARG C 24 -14.41 -8.55 14.90
CA ARG C 24 -15.73 -8.82 15.46
C ARG C 24 -16.02 -7.88 16.62
N ALA C 25 -17.28 -7.48 16.73
CA ALA C 25 -17.75 -6.51 17.70
C ALA C 25 -18.77 -7.15 18.64
N SER C 26 -18.86 -6.59 19.85
CA SER C 26 -19.79 -7.11 20.84
C SER C 26 -21.23 -6.71 20.53
N GLN C 27 -21.43 -5.55 19.91
CA GLN C 27 -22.70 -5.09 19.33
C GLN C 27 -22.56 -4.97 17.82
N SER C 28 -23.65 -4.55 17.17
CA SER C 28 -23.54 -4.11 15.79
C SER C 28 -23.01 -2.70 15.75
N VAL C 29 -22.11 -2.44 14.82
CA VAL C 29 -21.46 -1.15 14.68
C VAL C 29 -21.95 -0.46 13.41
N THR C 30 -22.93 -1.07 12.74
CA THR C 30 -23.58 -0.62 11.51
C THR C 30 -22.61 0.18 10.63
N LYS C 31 -21.56 -0.51 10.18
CA LYS C 31 -20.59 -0.13 9.16
C LYS C 31 -19.72 1.07 9.50
N TYR C 32 -19.79 1.61 10.73
CA TYR C 32 -18.90 2.69 11.13
C TYR C 32 -17.61 2.08 11.68
N LEU C 33 -16.78 1.57 10.75
CA LEU C 33 -15.64 0.72 11.07
C LEU C 33 -14.41 1.20 10.28
N ASN C 34 -13.31 1.53 10.98
CA ASN C 34 -12.11 2.07 10.36
C ASN C 34 -10.92 1.13 10.54
N TRP C 35 -9.97 1.21 9.61
CA TRP C 35 -8.73 0.43 9.61
C TRP C 35 -7.52 1.32 9.53
N TYR C 36 -6.53 1.04 10.39
CA TYR C 36 -5.29 1.80 10.51
C TYR C 36 -4.09 0.85 10.44
N GLN C 37 -2.97 1.37 9.93
CA GLN C 37 -1.69 0.65 9.81
C GLN C 37 -0.65 1.26 10.75
N PHE C 38 0.02 0.41 11.53
CA PHE C 38 1.02 0.82 12.51
C PHE C 38 2.36 0.17 12.20
N LYS C 39 3.37 0.99 11.96
CA LYS C 39 4.75 0.56 11.85
C LYS C 39 5.52 1.33 12.90
N THR C 40 6.56 0.68 13.47
CA THR C 40 7.20 1.22 14.68
C THR C 40 7.88 2.56 14.44
N GLY C 41 8.49 2.75 13.27
CA GLY C 41 9.14 4.01 12.99
C GLY C 41 8.18 5.17 12.77
N GLN C 42 7.08 4.94 12.08
CA GLN C 42 6.33 6.06 11.51
C GLN C 42 5.04 6.34 12.26
N ALA C 43 4.44 7.45 11.86
CA ALA C 43 3.17 7.83 12.43
C ALA C 43 2.14 6.83 11.98
N PRO C 44 1.20 6.46 12.85
CA PRO C 44 0.06 5.65 12.42
C PRO C 44 -0.58 6.26 11.18
N ARG C 45 -1.21 5.42 10.39
CA ARG C 45 -1.67 5.84 9.08
C ARG C 45 -2.98 5.12 8.82
N ILE C 46 -4.04 5.89 8.56
CA ILE C 46 -5.33 5.30 8.27
C ILE C 46 -5.32 4.72 6.87
N LEU C 47 -6.07 3.65 6.67
CA LEU C 47 -6.24 3.20 5.30
C LEU C 47 -7.69 3.10 4.88
N ILE C 48 -8.59 2.68 5.78
CA ILE C 48 -10.00 2.65 5.40
C ILE C 48 -10.88 3.26 6.48
N TYR C 49 -11.96 3.91 6.06
CA TYR C 49 -12.96 4.42 6.97
C TYR C 49 -14.35 4.01 6.50
N GLY C 50 -15.24 3.78 7.47
CA GLY C 50 -16.59 3.42 7.10
C GLY C 50 -16.69 2.18 6.24
N THR C 51 -16.06 1.11 6.71
CA THR C 51 -16.07 -0.23 6.11
C THR C 51 -15.32 -0.37 4.80
N TYR C 52 -15.73 0.33 3.73
CA TYR C 52 -15.19 0.10 2.40
C TYR C 52 -14.28 1.19 1.86
N THR C 53 -14.35 2.39 2.39
CA THR C 53 -13.81 3.54 1.67
C THR C 53 -12.30 3.66 1.82
N LEU C 54 -11.61 3.61 0.69
CA LEU C 54 -10.17 3.79 0.65
C LEU C 54 -9.84 5.28 0.64
N LEU C 55 -8.80 5.66 1.36
CA LEU C 55 -8.34 7.04 1.32
C LEU C 55 -7.27 7.19 0.26
N SER C 56 -7.12 8.41 -0.25
CA SER C 56 -6.16 8.69 -1.31
C SER C 56 -4.76 8.25 -0.92
N GLY C 57 -4.01 7.73 -1.88
CA GLY C 57 -2.66 7.29 -1.63
C GLY C 57 -2.53 5.95 -0.93
N VAL C 58 -3.62 5.36 -0.46
CA VAL C 58 -3.62 3.99 0.04
C VAL C 58 -3.74 3.06 -1.16
N SER C 59 -2.90 2.02 -1.21
CA SER C 59 -2.93 1.10 -2.35
C SER C 59 -4.25 0.31 -2.40
N PRO C 60 -4.76 0.02 -3.61
CA PRO C 60 -6.00 -0.76 -3.75
C PRO C 60 -5.87 -2.24 -3.45
N ARG C 61 -4.65 -2.72 -3.17
CA ARG C 61 -4.46 -4.02 -2.53
C ARG C 61 -5.27 -4.13 -1.25
N PHE C 62 -5.35 -3.04 -0.49
CA PHE C 62 -6.20 -3.00 0.69
C PHE C 62 -7.65 -2.83 0.27
N SER C 63 -8.54 -3.59 0.92
CA SER C 63 -9.97 -3.47 0.65
C SER C 63 -10.72 -3.94 1.89
N GLY C 64 -11.81 -3.24 2.23
CA GLY C 64 -12.56 -3.49 3.44
C GLY C 64 -13.95 -4.02 3.14
N ALA C 65 -14.51 -4.77 4.10
CA ALA C 65 -15.81 -5.40 3.86
C ALA C 65 -16.47 -5.75 5.19
N GLY C 66 -17.78 -5.93 5.14
CA GLY C 66 -18.46 -6.36 6.35
C GLY C 66 -19.80 -5.70 6.58
N SER C 67 -20.43 -6.05 7.68
CA SER C 67 -21.71 -5.49 8.12
C SER C 67 -21.98 -6.02 9.52
N GLY C 68 -22.97 -5.44 10.17
CA GLY C 68 -23.40 -5.98 11.46
C GLY C 68 -22.28 -5.97 12.47
N SER C 69 -21.96 -7.14 13.02
CA SER C 69 -20.89 -7.28 13.99
C SER C 69 -19.61 -7.87 13.39
N LEU C 70 -19.52 -7.98 12.05
CA LEU C 70 -18.47 -8.76 11.40
C LEU C 70 -17.87 -8.01 10.22
N TYR C 71 -16.58 -7.69 10.31
CA TYR C 71 -15.87 -6.96 9.27
C TYR C 71 -14.57 -7.68 8.95
N THR C 72 -13.97 -7.31 7.82
CA THR C 72 -12.80 -8.01 7.32
C THR C 72 -12.01 -7.11 6.38
N LEU C 73 -10.73 -6.90 6.72
CA LEU C 73 -9.75 -6.24 5.86
C LEU C 73 -8.97 -7.27 5.05
N THR C 74 -8.67 -6.94 3.79
CA THR C 74 -8.01 -7.89 2.91
C THR C 74 -6.91 -7.22 2.08
N ILE C 75 -5.73 -7.82 2.15
CA ILE C 75 -4.54 -7.43 1.40
C ILE C 75 -4.34 -8.40 0.24
N THR C 76 -4.33 -7.87 -0.99
CA THR C 76 -4.45 -8.70 -2.19
C THR C 76 -3.13 -9.37 -2.54
N ASN C 77 -2.06 -8.61 -2.54
CA ASN C 77 -0.85 -9.06 -3.20
C ASN C 77 0.33 -8.71 -2.33
N ILE C 78 0.25 -9.07 -1.05
CA ILE C 78 1.07 -8.49 0.01
C ILE C 78 2.53 -8.28 -0.42
N GLN C 79 3.03 -7.06 -0.19
CA GLN C 79 4.34 -6.62 -0.61
C GLN C 79 5.11 -6.28 0.65
N PRO C 80 6.44 -6.11 0.58
CA PRO C 80 7.19 -5.82 1.80
C PRO C 80 6.65 -4.66 2.60
N GLU C 81 6.18 -3.58 1.97
CA GLU C 81 5.77 -2.44 2.79
C GLU C 81 4.43 -2.66 3.49
N ASP C 82 3.73 -3.77 3.24
CA ASP C 82 2.46 -3.94 3.92
C ASP C 82 2.60 -4.67 5.25
N PHE C 83 3.72 -5.31 5.50
CA PHE C 83 3.89 -6.03 6.74
C PHE C 83 4.02 -5.03 7.87
N ALA C 84 3.14 -5.14 8.87
CA ALA C 84 2.91 -4.08 9.85
C ALA C 84 1.92 -4.60 10.85
N THR C 85 1.45 -3.80 11.80
CA THR C 85 0.36 -4.31 12.61
C THR C 85 -0.87 -3.43 12.41
N TYR C 86 -2.04 -4.06 12.31
CA TYR C 86 -3.28 -3.42 11.88
C TYR C 86 -4.31 -3.38 12.99
N TYR C 87 -5.00 -2.24 13.09
CA TYR C 87 -6.05 -2.03 14.08
C TYR C 87 -7.35 -1.60 13.41
N CYS C 88 -8.46 -2.14 13.93
CA CYS C 88 -9.82 -1.73 13.59
C CYS C 88 -10.41 -0.88 14.71
N GLN C 89 -11.28 0.03 14.35
CA GLN C 89 -11.88 0.94 15.33
C GLN C 89 -13.35 1.14 14.98
N GLN C 90 -14.21 1.21 15.99
CA GLN C 90 -15.62 1.51 15.78
C GLN C 90 -15.89 3.01 16.02
N ALA C 91 -16.70 3.58 15.14
CA ALA C 91 -17.09 4.97 15.24
C ALA C 91 -18.57 5.09 15.59
N HIS C 92 -19.20 3.96 15.91
CA HIS C 92 -20.60 3.93 16.27
C HIS C 92 -21.06 4.56 17.59
N SER C 93 -20.33 4.28 18.67
CA SER C 93 -20.71 4.76 20.02
C SER C 93 -20.06 6.03 20.53
N THR C 94 -20.50 6.48 21.69
CA THR C 94 -19.99 7.71 22.27
C THR C 94 -18.49 7.65 22.54
N PRO C 95 -18.02 6.54 23.13
CA PRO C 95 -16.60 6.41 23.39
C PRO C 95 -16.06 5.45 22.39
N TRP C 96 -15.21 5.95 21.50
CA TRP C 96 -14.66 5.12 20.46
C TRP C 96 -13.66 4.13 21.00
N THR C 97 -13.69 2.93 20.46
CA THR C 97 -12.78 1.89 20.91
C THR C 97 -12.08 1.17 19.80
N PHE C 98 -10.86 0.72 20.04
CA PHE C 98 -10.06 0.03 19.05
C PHE C 98 -10.04 -1.47 19.36
N GLY C 99 -9.64 -2.26 18.36
CA GLY C 99 -9.30 -3.64 18.60
C GLY C 99 -7.93 -3.77 19.26
N GLN C 100 -7.49 -5.03 19.45
CA GLN C 100 -6.23 -5.30 20.14
C GLN C 100 -5.02 -5.38 19.19
N GLY C 101 -5.25 -5.58 17.90
CA GLY C 101 -4.24 -5.51 16.87
C GLY C 101 -3.87 -6.87 16.30
N THR C 102 -3.62 -6.90 14.99
CA THR C 102 -3.16 -8.10 14.30
C THR C 102 -1.82 -7.81 13.65
N HIS C 103 -0.78 -8.52 14.06
CA HIS C 103 0.56 -8.28 13.58
C HIS C 103 0.84 -9.21 12.40
N VAL C 104 1.20 -8.64 11.25
CA VAL C 104 1.44 -9.37 10.02
C VAL C 104 2.93 -9.31 9.67
N ALA C 105 3.59 -10.49 9.69
CA ALA C 105 5.02 -10.72 9.48
C ALA C 105 5.28 -11.57 8.24
N ALA C 106 6.53 -11.59 7.79
CA ALA C 106 6.92 -12.25 6.54
C ALA C 106 7.45 -13.67 6.74
N ASN C 107 7.05 -14.59 5.85
CA ASN C 107 7.71 -15.88 5.66
C ASN C 107 8.69 -15.79 4.49
N ARG C 108 9.84 -16.46 4.60
CA ARG C 108 10.89 -16.37 3.58
C ARG C 108 11.85 -17.55 3.74
N THR C 109 12.79 -17.67 2.80
CA THR C 109 13.72 -18.79 2.80
C THR C 109 14.75 -18.68 3.93
N VAL C 110 15.19 -19.85 4.43
CA VAL C 110 16.14 -19.87 5.55
C VAL C 110 17.40 -19.11 5.20
N ALA C 111 17.88 -18.32 6.16
CA ALA C 111 19.12 -17.57 6.01
C ALA C 111 19.89 -17.65 7.33
N ALA C 112 21.12 -18.18 7.26
CA ALA C 112 21.94 -18.35 8.44
C ALA C 112 22.49 -17.01 8.94
N PRO C 113 22.78 -16.88 10.24
CA PRO C 113 23.27 -15.62 10.77
C PRO C 113 24.78 -15.45 10.60
N SER C 114 25.20 -14.20 10.41
CA SER C 114 26.63 -13.87 10.51
C SER C 114 26.95 -13.52 11.95
N VAL C 115 27.95 -14.15 12.55
CA VAL C 115 28.21 -13.97 13.98
C VAL C 115 29.46 -13.12 14.19
N PHE C 116 29.36 -12.17 15.10
CA PHE C 116 30.45 -11.28 15.47
C PHE C 116 30.55 -11.27 16.98
N ILE C 117 31.72 -10.95 17.50
CA ILE C 117 31.91 -10.79 18.93
C ILE C 117 32.66 -9.50 19.20
N PHE C 118 32.24 -8.78 20.24
CA PHE C 118 32.79 -7.48 20.64
C PHE C 118 33.31 -7.55 22.06
N PRO C 119 34.60 -7.26 22.25
CA PRO C 119 35.17 -7.15 23.60
C PRO C 119 34.79 -5.84 24.26
N PRO C 120 35.04 -5.69 25.56
CA PRO C 120 34.66 -4.46 26.24
C PRO C 120 35.61 -3.30 25.96
N SER C 121 35.02 -2.11 25.91
CA SER C 121 35.77 -0.89 25.65
C SER C 121 36.75 -0.62 26.78
N ASP C 122 37.96 -0.20 26.42
CA ASP C 122 38.92 0.23 27.43
C ASP C 122 38.27 1.22 28.39
N GLU C 123 37.65 2.26 27.83
CA GLU C 123 36.96 3.29 28.60
C GLU C 123 36.02 2.70 29.65
N GLN C 124 35.22 1.69 29.27
CA GLN C 124 34.26 1.10 30.20
C GLN C 124 34.95 0.26 31.26
N LEU C 125 36.07 -0.37 30.91
CA LEU C 125 36.85 -1.08 31.92
C LEU C 125 37.38 -0.11 32.96
N LYS C 126 37.69 1.13 32.57
CA LYS C 126 38.08 2.14 33.54
C LYS C 126 36.97 2.36 34.58
N SER C 127 35.71 2.40 34.13
CA SER C 127 34.60 2.64 35.06
C SER C 127 34.42 1.54 36.10
N GLY C 128 34.86 0.31 35.79
CA GLY C 128 34.82 -0.77 36.74
C GLY C 128 33.88 -1.90 36.39
N THR C 129 33.20 -1.86 35.25
CA THR C 129 32.47 -3.02 34.75
C THR C 129 32.85 -3.28 33.29
N ALA C 130 32.36 -4.39 32.76
CA ALA C 130 32.72 -4.87 31.44
C ALA C 130 31.54 -5.53 30.75
N SER C 131 31.19 -5.07 29.55
CA SER C 131 30.12 -5.66 28.76
C SER C 131 30.73 -6.30 27.51
N VAL C 132 30.33 -7.53 27.22
CA VAL C 132 30.79 -8.27 26.04
C VAL C 132 29.57 -8.60 25.19
N VAL C 133 29.63 -8.26 23.91
CA VAL C 133 28.46 -8.37 23.04
C VAL C 133 28.67 -9.47 22.02
N CYS C 134 27.64 -10.30 21.85
CA CYS C 134 27.56 -11.20 20.71
C CYS C 134 26.49 -10.72 19.76
N LEU C 135 26.83 -10.63 18.48
CA LEU C 135 25.90 -10.15 17.45
C LEU C 135 25.61 -11.27 16.45
N LEU C 136 24.33 -11.54 16.23
CA LEU C 136 23.87 -12.48 15.21
C LEU C 136 23.13 -11.63 14.19
N ASN C 137 23.69 -11.48 12.99
CA ASN C 137 23.13 -10.55 12.04
C ASN C 137 22.37 -11.28 10.94
N ASN C 138 21.15 -10.80 10.69
CA ASN C 138 20.32 -11.04 9.49
C ASN C 138 20.07 -12.52 9.20
N PHE C 139 19.21 -13.10 10.03
CA PHE C 139 18.89 -14.51 9.97
C PHE C 139 17.39 -14.71 9.97
N TYR C 140 16.97 -15.91 9.60
CA TYR C 140 15.58 -16.37 9.57
C TYR C 140 15.56 -17.89 9.53
N PRO C 141 14.71 -18.56 10.31
CA PRO C 141 13.69 -17.99 11.21
C PRO C 141 14.20 -17.39 12.53
N ARG C 142 13.27 -16.82 13.31
CA ARG C 142 13.63 -16.03 14.48
C ARG C 142 14.34 -16.86 15.56
N GLU C 143 14.03 -18.14 15.64
CA GLU C 143 14.50 -18.99 16.74
C GLU C 143 15.99 -19.27 16.60
N ALA C 144 16.75 -18.87 17.61
CA ALA C 144 18.18 -19.15 17.63
C ALA C 144 18.63 -19.25 19.07
N LYS C 145 19.55 -20.18 19.35
CA LYS C 145 20.06 -20.36 20.69
C LYS C 145 21.48 -19.82 20.76
N VAL C 146 21.75 -19.08 21.84
CA VAL C 146 23.00 -18.37 22.01
C VAL C 146 23.55 -18.72 23.39
N GLN C 147 24.67 -19.44 23.41
CA GLN C 147 25.33 -19.89 24.63
C GLN C 147 26.62 -19.12 24.85
N TRP C 148 26.89 -18.78 26.10
CA TRP C 148 28.13 -18.12 26.47
C TRP C 148 29.05 -19.12 27.13
N LYS C 149 30.34 -19.13 26.73
CA LYS C 149 31.33 -19.99 27.37
C LYS C 149 32.62 -19.20 27.62
N VAL C 150 33.05 -19.16 28.88
CA VAL C 150 34.24 -18.42 29.33
C VAL C 150 35.26 -19.42 29.89
N ASP C 151 36.43 -19.50 29.24
CA ASP C 151 37.47 -20.46 29.62
C ASP C 151 36.91 -21.87 29.69
N ASN C 152 35.99 -22.16 28.76
CA ASN C 152 35.28 -23.42 28.52
C ASN C 152 34.15 -23.67 29.52
N ALA C 153 33.91 -22.79 30.47
CA ALA C 153 32.83 -23.00 31.43
C ALA C 153 31.57 -22.29 30.96
N LEU C 154 30.42 -22.98 31.04
CA LEU C 154 29.16 -22.47 30.50
C LEU C 154 28.47 -21.53 31.48
N GLN C 155 27.90 -20.44 30.95
CA GLN C 155 27.36 -19.34 31.74
C GLN C 155 25.85 -19.43 31.79
N SER C 156 25.25 -18.61 32.67
CA SER C 156 23.79 -18.43 32.72
C SER C 156 23.39 -17.38 33.76
N GLY C 157 22.40 -16.57 33.41
CA GLY C 157 21.90 -15.51 34.27
C GLY C 157 22.54 -14.16 34.07
N ASN C 158 23.84 -14.13 33.82
CA ASN C 158 24.59 -12.89 33.59
C ASN C 158 24.31 -12.26 32.22
N SER C 159 23.54 -12.87 31.33
CA SER C 159 23.38 -12.35 29.98
C SER C 159 21.91 -12.01 29.71
N GLN C 160 21.71 -10.99 28.87
CA GLN C 160 20.40 -10.58 28.41
C GLN C 160 20.37 -10.57 26.89
N GLU C 161 19.22 -10.88 26.31
CA GLU C 161 19.08 -10.88 24.86
C GLU C 161 18.08 -9.83 24.41
N SER C 162 18.27 -9.40 23.16
CA SER C 162 17.36 -8.47 22.50
C SER C 162 17.31 -8.84 21.02
N VAL C 163 16.16 -8.62 20.38
CA VAL C 163 15.92 -9.04 19.00
C VAL C 163 15.19 -7.94 18.25
N THR C 164 15.68 -7.58 17.06
CA THR C 164 15.06 -6.54 16.24
C THR C 164 13.73 -7.00 15.64
N GLU C 165 12.97 -6.02 15.16
CA GLU C 165 11.80 -6.34 14.37
C GLU C 165 12.26 -6.76 12.99
N GLN C 166 11.40 -7.50 12.30
CA GLN C 166 11.75 -8.03 10.98
C GLN C 166 12.11 -6.88 10.05
N ASP C 167 13.19 -7.05 9.27
CA ASP C 167 13.63 -5.98 8.39
C ASP C 167 12.63 -5.74 7.27
N SER C 168 12.36 -4.46 7.02
CA SER C 168 11.35 -4.07 6.05
C SER C 168 11.62 -4.65 4.67
N LYS C 169 12.89 -4.67 4.24
CA LYS C 169 13.28 -5.16 2.91
C LYS C 169 13.85 -6.59 2.90
N ASP C 170 14.74 -6.89 3.87
CA ASP C 170 15.39 -8.19 4.05
C ASP C 170 14.43 -9.30 4.49
N SER C 171 13.41 -8.97 5.28
CA SER C 171 12.51 -9.91 5.96
C SER C 171 13.25 -10.78 6.98
N THR C 172 14.28 -10.25 7.63
CA THR C 172 15.06 -11.04 8.60
C THR C 172 15.25 -10.30 9.92
N TYR C 173 15.74 -11.05 10.92
CA TYR C 173 15.96 -10.62 12.29
C TYR C 173 17.45 -10.49 12.57
N SER C 174 17.78 -9.73 13.61
CA SER C 174 19.11 -9.72 14.18
C SER C 174 18.99 -9.75 15.70
N LEU C 175 20.02 -10.24 16.37
CA LEU C 175 19.89 -10.54 17.79
C LEU C 175 21.19 -10.22 18.52
N SER C 176 21.06 -9.58 19.67
CA SER C 176 22.20 -9.23 20.51
C SER C 176 22.12 -9.98 21.83
N SER C 177 23.17 -10.72 22.17
CA SER C 177 23.32 -11.31 23.50
C SER C 177 24.43 -10.55 24.25
N THR C 178 24.04 -9.79 25.28
CA THR C 178 24.99 -9.00 26.07
C THR C 178 25.30 -9.72 27.39
N LEU C 179 26.61 -9.96 27.62
CA LEU C 179 27.13 -10.58 28.83
C LEU C 179 27.78 -9.50 29.68
N THR C 180 27.25 -9.26 30.88
CA THR C 180 27.72 -8.16 31.73
C THR C 180 28.43 -8.71 32.97
N LEU C 181 29.57 -8.08 33.32
CA LEU C 181 30.49 -8.61 34.31
C LEU C 181 31.15 -7.48 35.09
N SER C 182 31.54 -7.79 36.33
CA SER C 182 32.40 -6.87 37.06
C SER C 182 33.78 -6.86 36.42
N LYS C 183 34.49 -5.73 36.58
CA LYS C 183 35.86 -5.68 36.09
C LYS C 183 36.69 -6.77 36.76
N ALA C 184 36.45 -7.03 38.05
CA ALA C 184 37.05 -8.15 38.76
C ALA C 184 36.98 -9.47 37.97
N ASP C 185 35.77 -9.98 37.79
CA ASP C 185 35.59 -11.27 37.13
C ASP C 185 36.14 -11.25 35.70
N TYR C 186 35.90 -10.18 34.95
CA TYR C 186 36.45 -10.11 33.60
C TYR C 186 37.99 -10.20 33.61
N GLU C 187 38.64 -9.60 34.62
CA GLU C 187 40.09 -9.69 34.70
C GLU C 187 40.55 -11.10 35.05
N LYS C 188 39.72 -11.84 35.82
CA LYS C 188 40.05 -13.21 36.19
C LYS C 188 40.44 -14.06 34.97
N HIS C 189 39.54 -14.13 34.00
CA HIS C 189 39.60 -15.14 32.94
C HIS C 189 40.30 -14.64 31.68
N LYS C 190 40.49 -15.58 30.73
CA LYS C 190 41.22 -15.34 29.49
C LYS C 190 40.32 -15.31 28.26
N VAL C 191 39.66 -16.44 27.94
CA VAL C 191 39.07 -16.73 26.63
C VAL C 191 37.56 -16.57 26.71
N TYR C 192 37.02 -15.57 25.99
CA TYR C 192 35.59 -15.28 25.96
C TYR C 192 35.00 -15.70 24.62
N ALA C 193 33.99 -16.56 24.64
CA ALA C 193 33.47 -17.14 23.41
C ALA C 193 31.95 -17.22 23.42
N CYS C 194 31.37 -17.07 22.23
CA CYS C 194 29.94 -17.01 21.99
C CYS C 194 29.58 -18.10 20.98
N GLU C 195 28.69 -19.02 21.37
CA GLU C 195 28.28 -20.16 20.56
C GLU C 195 26.86 -19.98 20.03
N VAL C 196 26.64 -20.27 18.75
CA VAL C 196 25.38 -20.00 18.08
C VAL C 196 24.87 -21.29 17.46
N THR C 197 23.61 -21.62 17.72
CA THR C 197 22.90 -22.68 17.01
C THR C 197 21.69 -22.05 16.34
N HIS C 198 21.45 -22.44 15.09
CA HIS C 198 20.38 -21.90 14.27
C HIS C 198 20.10 -22.89 13.15
N GLN C 199 18.84 -22.89 12.71
CA GLN C 199 18.40 -23.87 11.73
C GLN C 199 19.26 -23.88 10.49
N GLY C 200 19.61 -22.71 9.97
CA GLY C 200 20.37 -22.65 8.73
C GLY C 200 21.84 -22.94 8.84
N LEU C 201 22.32 -23.29 10.04
CA LEU C 201 23.68 -23.75 10.28
C LEU C 201 23.72 -25.27 10.42
N SER C 202 24.74 -25.88 9.82
CA SER C 202 24.94 -27.32 9.94
C SER C 202 25.63 -27.68 11.26
N SER C 203 26.77 -27.04 11.55
CA SER C 203 27.41 -27.11 12.86
C SER C 203 27.23 -25.78 13.62
N PRO C 204 27.06 -25.82 14.93
CA PRO C 204 27.12 -24.58 15.73
C PRO C 204 28.38 -23.76 15.46
N VAL C 205 28.21 -22.44 15.40
CA VAL C 205 29.27 -21.50 15.05
C VAL C 205 29.70 -20.74 16.30
N THR C 206 31.01 -20.72 16.55
CA THR C 206 31.56 -20.10 17.76
C THR C 206 32.55 -19.00 17.38
N LYS C 207 32.48 -17.85 18.07
CA LYS C 207 33.41 -16.74 17.84
C LYS C 207 33.98 -16.28 19.18
N SER C 208 35.27 -15.97 19.21
CA SER C 208 35.96 -15.83 20.49
C SER C 208 37.12 -14.84 20.42
N PHE C 209 37.49 -14.29 21.59
CA PHE C 209 38.70 -13.48 21.75
C PHE C 209 39.39 -13.80 23.08
N ASN C 210 40.58 -13.21 23.29
CA ASN C 210 41.28 -13.30 24.59
C ASN C 210 41.40 -11.95 25.34
N VAL D 2 -0.92 19.54 7.63
CA VAL D 2 0.05 18.78 6.83
C VAL D 2 1.03 18.07 7.77
N GLN D 3 1.53 18.76 8.82
CA GLN D 3 2.43 18.15 9.82
C GLN D 3 1.94 18.38 11.24
N LEU D 4 2.10 17.37 12.09
CA LEU D 4 1.62 17.38 13.48
C LEU D 4 2.77 16.97 14.39
N VAL D 5 3.33 17.92 15.15
CA VAL D 5 4.51 17.68 15.99
C VAL D 5 4.11 17.78 17.47
N GLU D 6 4.10 16.65 18.18
CA GLU D 6 3.83 16.60 19.62
C GLU D 6 5.11 16.71 20.44
N SER D 7 5.00 17.33 21.60
CA SER D 7 6.15 17.54 22.47
C SER D 7 5.69 17.78 23.91
N GLY D 8 6.60 17.56 24.86
CA GLY D 8 6.32 17.70 26.26
C GLY D 8 7.41 17.05 27.10
N PRO D 9 7.19 16.88 28.40
CA PRO D 9 8.23 16.27 29.23
C PRO D 9 8.29 14.77 28.98
N GLY D 10 9.44 14.20 29.24
CA GLY D 10 9.56 12.76 29.12
C GLY D 10 9.08 12.04 30.36
N LEU D 11 9.35 12.60 31.53
CA LEU D 11 9.16 11.91 32.80
C LEU D 11 8.34 12.80 33.73
N VAL D 12 7.35 12.19 34.38
CA VAL D 12 6.46 12.88 35.31
C VAL D 12 6.33 12.03 36.56
N GLN D 13 6.32 12.70 37.71
CA GLN D 13 6.20 12.02 38.99
C GLN D 13 4.77 11.55 39.20
N PRO D 14 4.57 10.46 39.94
CA PRO D 14 3.21 10.07 40.30
C PRO D 14 2.55 11.22 41.08
N TRP D 15 1.24 11.35 40.91
CA TRP D 15 0.45 12.44 41.46
C TRP D 15 0.86 13.80 40.92
N GLY D 16 1.69 13.85 39.87
CA GLY D 16 2.00 15.07 39.16
C GLY D 16 0.95 15.35 38.09
N THR D 17 1.20 16.39 37.30
CA THR D 17 0.38 16.74 36.14
C THR D 17 1.19 16.65 34.87
N LEU D 18 0.63 16.02 33.84
CA LEU D 18 1.32 15.78 32.57
C LEU D 18 0.71 16.70 31.52
N SER D 19 1.53 17.60 30.97
CA SER D 19 1.09 18.57 29.97
C SER D 19 1.84 18.38 28.65
N LEU D 20 1.09 18.28 27.55
CA LEU D 20 1.65 18.14 26.20
C LEU D 20 1.14 19.24 25.27
N THR D 21 1.93 19.50 24.21
CA THR D 21 1.57 20.44 23.16
C THR D 21 1.80 19.81 21.80
N CYS D 22 0.87 20.03 20.88
CA CYS D 22 0.98 19.56 19.51
C CYS D 22 0.90 20.77 18.57
N ARG D 23 1.99 21.07 17.87
CA ARG D 23 2.08 22.17 16.91
C ARG D 23 1.63 21.69 15.53
N VAL D 24 0.62 22.36 14.97
CA VAL D 24 -0.01 21.97 13.71
C VAL D 24 0.54 22.86 12.61
N SER D 25 1.18 22.23 11.60
CA SER D 25 2.00 22.95 10.62
C SER D 25 1.37 23.06 9.24
N GLY D 26 0.17 22.55 9.03
CA GLY D 26 -0.42 22.62 7.71
C GLY D 26 -1.43 23.73 7.51
N ASP D 27 -2.51 23.72 8.31
CA ASP D 27 -3.55 24.71 8.26
C ASP D 27 -3.92 25.11 9.68
N SER D 28 -4.82 26.09 9.81
CA SER D 28 -5.20 26.60 11.12
C SER D 28 -6.08 25.59 11.87
N VAL D 29 -5.91 25.58 13.20
CA VAL D 29 -6.73 24.73 14.06
C VAL D 29 -8.15 25.24 14.14
N SER D 30 -8.35 26.53 13.85
CA SER D 30 -9.68 27.12 13.71
C SER D 30 -10.27 26.88 12.34
N ASN D 31 -9.64 26.06 11.51
CA ASN D 31 -10.28 25.54 10.32
C ASN D 31 -11.52 24.76 10.76
N ASP D 32 -12.69 25.22 10.35
CA ASP D 32 -13.91 24.54 10.76
C ASP D 32 -14.12 23.18 10.08
N ASN D 33 -13.21 22.73 9.23
CA ASN D 33 -13.32 21.39 8.66
C ASN D 33 -12.68 20.28 9.49
N TYR D 34 -12.02 20.59 10.59
CA TYR D 34 -11.36 19.55 11.38
C TYR D 34 -11.69 19.69 12.86
N TYR D 35 -11.86 18.53 13.49
CA TYR D 35 -11.65 18.37 14.91
C TYR D 35 -10.21 17.94 15.14
N TRP D 36 -9.77 18.03 16.40
CA TRP D 36 -8.45 17.58 16.81
C TRP D 36 -8.62 16.67 18.03
N ALA D 37 -7.66 15.77 18.25
CA ALA D 37 -7.82 14.74 19.28
C ALA D 37 -6.48 14.28 19.83
N TRP D 38 -6.54 13.65 21.00
CA TRP D 38 -5.41 12.97 21.62
C TRP D 38 -5.76 11.51 21.83
N ILE D 39 -4.86 10.63 21.44
CA ILE D 39 -5.06 9.19 21.53
C ILE D 39 -3.78 8.58 22.10
N ARG D 40 -3.92 7.60 22.99
CA ARG D 40 -2.72 7.08 23.61
C ARG D 40 -2.70 5.57 23.58
N GLN D 41 -1.49 5.04 23.57
CA GLN D 41 -1.24 3.60 23.57
C GLN D 41 -0.39 3.23 24.76
N THR D 42 -0.87 2.31 25.53
CA THR D 42 -0.13 1.78 26.65
C THR D 42 0.86 0.72 26.15
N PRO D 43 1.92 0.43 26.91
CA PRO D 43 2.85 -0.63 26.49
C PRO D 43 2.19 -2.00 26.33
N GLY D 44 1.00 -2.19 26.88
CA GLY D 44 0.30 -3.42 26.62
C GLY D 44 -0.41 -3.41 25.28
N ARG D 45 -0.14 -2.38 24.45
CA ARG D 45 -0.60 -2.18 23.08
C ARG D 45 -2.08 -1.82 22.94
N GLU D 46 -2.82 -1.65 24.05
CA GLU D 46 -4.22 -1.20 24.01
C GLU D 46 -4.31 0.30 23.69
N LEU D 47 -5.17 0.68 22.73
CA LEU D 47 -5.32 2.06 22.27
C LEU D 47 -6.56 2.73 22.86
N GLN D 48 -6.41 3.98 23.34
CA GLN D 48 -7.48 4.68 24.03
C GLN D 48 -7.66 6.08 23.47
N VAL D 49 -8.91 6.48 23.27
CA VAL D 49 -9.22 7.83 22.83
C VAL D 49 -9.38 8.69 24.08
N ILE D 50 -8.52 9.70 24.22
CA ILE D 50 -8.58 10.56 25.40
C ILE D 50 -9.68 11.59 25.25
N GLY D 51 -9.78 12.21 24.08
CA GLY D 51 -10.74 13.28 23.87
C GLY D 51 -10.59 14.09 22.60
N THR D 52 -11.65 14.78 22.21
CA THR D 52 -11.67 15.62 21.02
C THR D 52 -12.05 17.06 21.37
N ILE D 53 -11.69 17.97 20.45
CA ILE D 53 -11.98 19.38 20.59
C ILE D 53 -12.22 20.00 19.22
N TYR D 54 -13.16 20.93 19.17
CA TYR D 54 -13.54 21.63 17.96
C TYR D 54 -13.07 23.07 18.04
N TYR D 55 -12.83 23.66 16.86
CA TYR D 55 -12.45 25.09 16.79
C TYR D 55 -13.36 25.97 17.65
N SER D 56 -14.63 25.57 17.83
CA SER D 56 -15.60 26.35 18.60
C SER D 56 -15.41 26.24 20.11
N GLY D 57 -14.63 25.28 20.60
CA GLY D 57 -14.42 25.10 22.03
C GLY D 57 -15.02 23.82 22.58
N THR D 58 -15.90 23.16 21.84
CA THR D 58 -16.59 21.98 22.34
C THR D 58 -15.63 20.80 22.48
N THR D 59 -15.74 20.11 23.61
CA THR D 59 -14.87 18.99 23.91
C THR D 59 -15.72 17.75 24.17
N TYR D 60 -15.12 16.62 23.86
CA TYR D 60 -15.55 15.32 24.35
C TYR D 60 -14.40 14.70 25.12
N TYR D 61 -14.70 14.09 26.25
CA TYR D 61 -13.70 13.38 27.04
C TYR D 61 -14.13 11.95 27.31
N ASN D 62 -13.17 11.03 27.27
CA ASN D 62 -13.44 9.64 27.65
C ASN D 62 -13.97 9.59 29.07
N PRO D 63 -15.11 8.94 29.33
CA PRO D 63 -15.67 8.92 30.68
C PRO D 63 -14.67 8.56 31.78
N SER D 64 -13.83 7.56 31.57
CA SER D 64 -12.93 7.10 32.62
C SER D 64 -11.88 8.13 33.00
N LEU D 65 -11.71 9.19 32.21
CA LEU D 65 -10.76 10.26 32.49
C LEU D 65 -11.40 11.62 32.71
N ARG D 66 -12.70 11.78 32.47
CA ARG D 66 -13.30 13.11 32.46
C ARG D 66 -13.04 13.86 33.77
N ASN D 67 -12.99 13.14 34.89
CA ASN D 67 -12.72 13.77 36.19
C ASN D 67 -11.39 14.53 36.27
N ARG D 68 -10.44 14.30 35.32
CA ARG D 68 -9.06 14.78 35.49
C ARG D 68 -8.34 15.11 34.19
N VAL D 69 -9.06 15.45 33.11
CA VAL D 69 -8.43 15.75 31.83
C VAL D 69 -8.96 17.06 31.26
N THR D 70 -8.10 17.76 30.53
CA THR D 70 -8.45 19.03 29.86
C THR D 70 -7.75 19.14 28.51
N ILE D 71 -8.51 19.45 27.46
CA ILE D 71 -7.93 19.72 26.15
C ILE D 71 -8.26 21.16 25.75
N SER D 72 -7.33 21.81 25.05
CA SER D 72 -7.63 23.17 24.57
C SER D 72 -6.73 23.53 23.39
N LEU D 73 -7.25 24.32 22.45
CA LEU D 73 -6.40 24.83 21.39
C LEU D 73 -6.03 26.29 21.66
N ASP D 74 -4.82 26.67 21.25
CA ASP D 74 -4.33 28.04 21.32
C ASP D 74 -4.13 28.51 19.88
N LYS D 75 -5.13 29.23 19.37
CA LYS D 75 -5.16 29.66 17.97
C LYS D 75 -4.01 30.59 17.65
N SER D 76 -3.51 31.30 18.66
CA SER D 76 -2.50 32.32 18.44
C SER D 76 -1.18 31.72 17.95
N VAL D 77 -0.82 30.53 18.44
CA VAL D 77 0.40 29.84 18.04
C VAL D 77 0.09 28.52 17.30
N ASN D 78 -1.19 28.22 17.08
CA ASN D 78 -1.68 27.06 16.32
C ASN D 78 -1.32 25.75 16.98
N VAL D 79 -1.44 25.69 18.31
CA VAL D 79 -1.13 24.46 19.02
C VAL D 79 -2.39 23.92 19.66
N VAL D 80 -2.35 22.64 19.97
CA VAL D 80 -3.41 22.01 20.75
C VAL D 80 -2.74 21.36 21.95
N SER D 81 -3.25 21.65 23.14
CA SER D 81 -2.64 21.27 24.40
C SER D 81 -3.49 20.21 25.11
N LEU D 82 -2.83 19.33 25.86
CA LEU D 82 -3.43 18.29 26.72
C LEU D 82 -2.89 18.37 28.16
N ARG D 83 -3.79 18.40 29.15
CA ARG D 83 -3.41 18.24 30.56
C ARG D 83 -4.11 17.04 31.17
N LEU D 84 -3.34 16.21 31.88
CA LEU D 84 -3.83 15.01 32.56
C LEU D 84 -3.27 14.99 33.99
N GLY D 85 -4.15 15.11 35.00
CA GLY D 85 -3.72 15.28 36.39
C GLY D 85 -3.82 14.03 37.28
N SER D 86 -3.17 14.10 38.45
CA SER D 86 -3.07 12.99 39.40
C SER D 86 -2.66 11.71 38.69
N VAL D 87 -1.57 11.80 37.97
CA VAL D 87 -1.13 10.77 37.05
C VAL D 87 -0.45 9.65 37.84
N SER D 88 -0.68 8.41 37.40
CA SER D 88 -0.10 7.19 37.97
C SER D 88 0.76 6.49 36.92
N ALA D 89 1.32 5.35 37.33
CA ALA D 89 2.05 4.49 36.39
C ALA D 89 1.16 4.06 35.25
N ALA D 90 -0.13 3.83 35.51
CA ALA D 90 -1.06 3.38 34.47
C ALA D 90 -1.23 4.41 33.35
N ASP D 91 -0.62 5.58 33.50
CA ASP D 91 -0.64 6.60 32.48
C ASP D 91 0.63 6.61 31.66
N THR D 92 1.52 5.65 31.87
CA THR D 92 2.71 5.55 31.03
C THR D 92 2.27 5.11 29.64
N ALA D 93 2.52 5.94 28.63
CA ALA D 93 1.99 5.64 27.31
C ALA D 93 2.64 6.52 26.24
N GLN D 94 2.42 6.12 24.98
CA GLN D 94 2.70 6.94 23.80
C GLN D 94 1.48 7.81 23.52
N TYR D 95 1.69 9.12 23.41
CA TYR D 95 0.60 10.09 23.25
C TYR D 95 0.64 10.69 21.85
N TYR D 96 -0.34 10.36 21.02
CA TYR D 96 -0.47 10.82 19.65
C TYR D 96 -1.48 11.95 19.53
N CYS D 97 -1.13 12.95 18.74
CA CYS D 97 -2.03 14.02 18.34
C CYS D 97 -2.58 13.68 16.96
N VAL D 98 -3.86 13.96 16.74
CA VAL D 98 -4.58 13.34 15.62
C VAL D 98 -5.60 14.33 15.06
N ARG D 99 -5.88 14.23 13.75
CA ARG D 99 -6.81 15.09 13.04
C ARG D 99 -8.07 14.32 12.64
N MET D 100 -9.20 15.02 12.60
CA MET D 100 -10.44 14.32 12.28
C MET D 100 -11.37 15.11 11.38
N PRO D 101 -11.58 14.69 10.13
CA PRO D 101 -12.51 15.38 9.24
C PRO D 101 -13.90 15.52 9.84
N SER D 102 -14.40 16.77 9.80
CA SER D 102 -15.78 17.14 10.13
C SER D 102 -16.56 17.29 8.84
N HIS D 103 -17.26 16.23 8.42
CA HIS D 103 -18.05 16.25 7.19
C HIS D 103 -19.43 16.85 7.45
N GLY D 104 -19.76 17.91 6.70
CA GLY D 104 -21.04 18.55 6.86
C GLY D 104 -22.19 17.77 6.27
N PHE D 105 -23.40 18.23 6.61
CA PHE D 105 -24.62 17.46 6.37
C PHE D 105 -24.76 16.97 4.93
N TRP D 106 -24.41 17.78 3.95
CA TRP D 106 -24.62 17.39 2.57
C TRP D 106 -23.42 16.65 1.96
N SER D 107 -22.31 16.53 2.71
CA SER D 107 -21.16 15.74 2.26
C SER D 107 -21.55 14.30 2.01
N THR D 108 -20.96 13.70 0.97
CA THR D 108 -21.11 12.26 0.74
C THR D 108 -20.80 11.44 1.99
N SER D 109 -19.87 11.93 2.81
CA SER D 109 -19.38 11.17 3.95
C SER D 109 -19.87 11.78 5.25
N PHE D 110 -21.16 12.02 5.34
CA PHE D 110 -21.72 12.55 6.57
C PHE D 110 -21.89 11.44 7.60
N SER D 111 -21.58 11.77 8.86
CA SER D 111 -21.65 10.90 10.05
C SER D 111 -20.49 9.90 10.10
N TYR D 112 -19.62 9.89 9.10
CA TYR D 112 -18.45 9.05 9.11
C TYR D 112 -17.31 9.75 9.84
N TRP D 113 -16.94 9.24 11.01
CA TRP D 113 -15.96 9.86 11.90
C TRP D 113 -14.70 9.01 12.01
N TYR D 114 -13.59 9.51 11.47
CA TYR D 114 -12.36 8.72 11.40
C TYR D 114 -11.13 9.60 11.61
N PHE D 115 -10.07 9.00 12.11
CA PHE D 115 -8.85 9.73 12.46
C PHE D 115 -7.92 9.68 11.25
N ASP D 116 -7.90 10.75 10.45
CA ASP D 116 -7.30 10.66 9.12
C ASP D 116 -5.82 11.07 9.10
N LEU D 117 -5.28 11.63 10.17
CA LEU D 117 -3.90 12.04 10.16
C LEU D 117 -3.37 11.99 11.58
N TRP D 118 -2.22 11.36 11.78
CA TRP D 118 -1.69 11.12 13.11
C TRP D 118 -0.29 11.67 13.17
N GLY D 119 0.08 12.23 14.30
CA GLY D 119 1.46 12.59 14.51
C GLY D 119 2.26 11.35 14.89
N ARG D 120 3.57 11.57 15.11
CA ARG D 120 4.47 10.45 15.39
C ARG D 120 4.34 9.92 16.79
N GLY D 121 3.68 10.64 17.68
CA GLY D 121 3.58 10.16 19.05
C GLY D 121 4.62 10.81 19.94
N HIS D 122 4.39 10.69 21.26
CA HIS D 122 5.34 11.20 22.25
C HIS D 122 5.23 10.38 23.53
N PHE D 123 6.34 9.80 23.98
CA PHE D 123 6.32 8.88 25.11
C PHE D 123 6.49 9.59 26.44
N VAL D 124 5.74 9.13 27.44
CA VAL D 124 5.76 9.70 28.79
C VAL D 124 5.85 8.54 29.79
N ALA D 125 6.90 8.52 30.60
CA ALA D 125 7.02 7.57 31.70
C ALA D 125 6.57 8.24 33.00
N VAL D 126 5.92 7.47 33.87
CA VAL D 126 5.47 7.98 35.16
C VAL D 126 6.16 7.13 36.23
N SER D 127 7.09 7.72 36.96
CA SER D 127 7.89 6.96 37.92
C SER D 127 8.46 7.88 38.98
N TRP D 128 8.53 7.36 40.22
CA TRP D 128 9.23 8.08 41.30
C TRP D 128 10.72 8.23 41.00
N ALA D 129 11.33 7.22 40.38
CA ALA D 129 12.73 7.28 40.02
C ALA D 129 13.03 8.54 39.21
N SER D 130 14.23 9.09 39.40
CA SER D 130 14.65 10.31 38.72
C SER D 130 15.48 9.97 37.48
N THR D 131 15.66 10.98 36.63
CA THR D 131 16.28 10.82 35.32
C THR D 131 17.75 10.41 35.44
N LYS D 132 18.26 9.80 34.36
CA LYS D 132 19.64 9.31 34.26
C LYS D 132 20.05 9.22 32.80
N GLY D 133 21.08 9.98 32.43
CA GLY D 133 21.61 9.95 31.08
C GLY D 133 22.46 8.72 30.85
N PRO D 134 22.59 8.31 29.59
CA PRO D 134 23.33 7.08 29.27
C PRO D 134 24.82 7.32 29.10
N SER D 135 25.58 6.26 29.36
CA SER D 135 26.98 6.23 28.97
C SER D 135 27.09 5.58 27.59
N VAL D 136 27.97 6.10 26.74
CA VAL D 136 28.12 5.61 25.37
C VAL D 136 29.54 5.07 25.20
N PHE D 137 29.65 3.79 24.84
CA PHE D 137 30.94 3.14 24.65
C PHE D 137 31.06 2.60 23.24
N PRO D 138 32.25 2.68 22.64
CA PRO D 138 32.41 2.18 21.27
C PRO D 138 32.39 0.66 21.24
N LEU D 139 31.80 0.11 20.18
CA LEU D 139 31.95 -1.30 19.85
C LEU D 139 32.82 -1.35 18.60
N ALA D 140 34.16 -1.50 18.80
CA ALA D 140 35.15 -1.35 17.74
C ALA D 140 35.18 -2.57 16.81
N PRO D 141 35.30 -2.34 15.50
CA PRO D 141 35.49 -3.44 14.55
C PRO D 141 36.89 -4.05 14.62
N SER D 142 36.95 -5.39 14.49
CA SER D 142 38.22 -6.11 14.56
C SER D 142 38.64 -6.65 13.18
N GLY D 149 34.87 -9.91 4.54
CA GLY D 149 34.44 -9.01 3.47
C GLY D 149 33.72 -7.76 4.03
N THR D 150 32.71 -7.95 4.86
CA THR D 150 32.04 -6.84 5.52
C THR D 150 32.31 -6.91 7.02
N ALA D 151 32.53 -5.73 7.62
CA ALA D 151 32.83 -5.60 9.03
C ALA D 151 31.66 -4.99 9.77
N ALA D 152 31.56 -5.29 11.05
CA ALA D 152 30.53 -4.76 11.94
C ALA D 152 31.14 -3.82 12.97
N LEU D 153 30.39 -2.79 13.36
CA LEU D 153 30.79 -1.84 14.39
C LEU D 153 29.55 -1.29 15.07
N GLY D 154 29.71 -0.59 16.19
CA GLY D 154 28.53 -0.07 16.87
C GLY D 154 28.79 0.85 18.04
N CYS D 155 27.72 1.02 18.84
CA CYS D 155 27.74 1.82 20.07
C CYS D 155 26.89 1.14 21.13
N LEU D 156 27.43 1.02 22.34
CA LEU D 156 26.70 0.50 23.49
C LEU D 156 26.21 1.69 24.30
N VAL D 157 24.89 1.83 24.42
CA VAL D 157 24.25 2.93 25.14
C VAL D 157 23.72 2.33 26.43
N LYS D 158 24.45 2.48 27.54
CA LYS D 158 24.20 1.72 28.77
C LYS D 158 23.75 2.60 29.94
N ASP D 159 22.86 2.03 30.78
CA ASP D 159 22.43 2.58 32.06
C ASP D 159 21.74 3.94 31.96
N TYR D 160 20.48 3.97 31.53
CA TYR D 160 19.71 5.21 31.40
C TYR D 160 18.28 4.94 31.84
N PHE D 161 17.60 6.01 32.27
CA PHE D 161 16.18 5.97 32.63
C PHE D 161 15.60 7.37 32.46
N PRO D 162 14.42 7.51 31.86
CA PRO D 162 13.52 6.52 31.27
C PRO D 162 13.72 6.40 29.76
N GLU D 163 12.97 5.49 29.17
CA GLU D 163 12.95 5.41 27.73
C GLU D 163 12.31 6.68 27.15
N PRO D 164 12.76 7.12 25.97
CA PRO D 164 13.66 6.42 25.06
C PRO D 164 14.89 7.22 24.73
N VAL D 165 15.86 6.56 24.11
CA VAL D 165 17.01 7.22 23.50
C VAL D 165 16.90 6.99 22.01
N THR D 166 17.36 7.95 21.24
CA THR D 166 17.40 7.81 19.79
C THR D 166 18.85 7.87 19.31
N VAL D 167 19.21 6.97 18.41
CA VAL D 167 20.57 6.83 17.89
C VAL D 167 20.55 7.01 16.38
N SER D 168 21.47 7.82 15.87
CA SER D 168 21.65 8.01 14.44
C SER D 168 23.12 7.75 14.09
N TRP D 169 23.43 7.57 12.80
CA TRP D 169 24.80 7.34 12.37
C TRP D 169 25.19 8.37 11.33
N ASN D 170 26.38 8.94 11.50
CA ASN D 170 26.91 10.06 10.71
C ASN D 170 25.85 11.14 10.47
N SER D 171 25.19 11.53 11.56
CA SER D 171 24.18 12.59 11.56
C SER D 171 23.12 12.37 10.49
N GLY D 172 22.70 11.11 10.33
CA GLY D 172 21.69 10.72 9.37
C GLY D 172 22.21 10.20 8.04
N ALA D 173 23.49 10.44 7.73
CA ALA D 173 24.03 10.11 6.40
C ALA D 173 24.20 8.62 6.18
N LEU D 174 24.47 7.84 7.23
CA LEU D 174 24.63 6.41 7.06
C LEU D 174 23.34 5.77 7.53
N THR D 175 22.62 5.17 6.61
CA THR D 175 21.32 4.64 6.96
C THR D 175 21.18 3.17 6.66
N SER D 176 21.88 2.66 5.65
CA SER D 176 21.68 1.29 5.18
C SER D 176 22.58 0.34 5.93
N GLY D 177 21.98 -0.64 6.59
CA GLY D 177 22.70 -1.62 7.36
C GLY D 177 22.74 -1.37 8.83
N VAL D 178 22.03 -0.37 9.32
CA VAL D 178 22.01 -0.01 10.74
C VAL D 178 20.95 -0.85 11.44
N HIS D 179 21.22 -1.26 12.68
CA HIS D 179 20.33 -2.05 13.53
C HIS D 179 20.40 -1.49 14.94
N THR D 180 19.39 -0.72 15.37
CA THR D 180 19.28 -0.25 16.75
C THR D 180 18.30 -1.14 17.52
N PHE D 181 18.80 -1.86 18.52
CA PHE D 181 18.01 -2.87 19.21
C PHE D 181 17.03 -2.28 20.20
N PRO D 182 15.95 -3.01 20.50
CA PRO D 182 15.09 -2.57 21.58
C PRO D 182 15.84 -2.59 22.90
N ALA D 183 15.43 -1.71 23.80
CA ALA D 183 16.11 -1.66 25.08
C ALA D 183 15.78 -2.92 25.90
N VAL D 184 16.60 -3.16 26.91
CA VAL D 184 16.30 -4.17 27.89
C VAL D 184 16.34 -3.51 29.24
N LEU D 185 15.45 -3.96 30.12
CA LEU D 185 15.40 -3.48 31.50
C LEU D 185 16.37 -4.32 32.32
N GLN D 186 17.45 -3.71 32.78
CA GLN D 186 18.41 -4.45 33.57
C GLN D 186 17.91 -4.62 35.01
N SER D 187 18.55 -5.53 35.74
CA SER D 187 18.22 -5.74 37.15
C SER D 187 18.35 -4.44 37.94
N SER D 188 19.38 -3.65 37.61
CA SER D 188 19.59 -2.33 38.21
C SER D 188 18.40 -1.39 38.06
N GLY D 189 17.43 -1.70 37.19
CA GLY D 189 16.29 -0.82 36.96
C GLY D 189 16.54 0.24 35.92
N LEU D 190 17.70 0.23 35.28
CA LEU D 190 17.99 1.14 34.18
C LEU D 190 17.97 0.34 32.89
N TYR D 191 17.91 1.08 31.78
CA TYR D 191 17.76 0.50 30.46
C TYR D 191 19.11 0.51 29.74
N SER D 192 19.23 -0.36 28.74
CA SER D 192 20.44 -0.39 27.96
C SER D 192 20.14 -0.93 26.57
N LEU D 193 20.83 -0.40 25.55
CA LEU D 193 20.67 -0.90 24.18
C LEU D 193 21.99 -0.82 23.42
N SER D 194 21.99 -1.33 22.19
CA SER D 194 23.11 -1.24 21.27
C SER D 194 22.62 -0.80 19.90
N SER D 195 23.49 -0.10 19.15
CA SER D 195 23.21 0.22 17.76
C SER D 195 24.40 -0.20 16.91
N VAL D 196 24.17 -0.94 15.82
CA VAL D 196 25.27 -1.55 15.08
C VAL D 196 25.09 -1.38 13.56
N VAL D 197 26.18 -1.15 12.84
CA VAL D 197 26.16 -1.04 11.38
C VAL D 197 27.15 -2.02 10.80
N THR D 198 26.81 -2.59 9.66
CA THR D 198 27.73 -3.37 8.86
C THR D 198 28.13 -2.54 7.64
N VAL D 199 29.44 -2.42 7.44
CA VAL D 199 30.05 -1.61 6.38
C VAL D 199 31.03 -2.48 5.63
N PRO D 200 31.46 -2.07 4.43
CA PRO D 200 32.54 -2.80 3.76
C PRO D 200 33.85 -2.62 4.53
N SER D 201 34.56 -3.73 4.76
CA SER D 201 35.81 -3.64 5.51
C SER D 201 36.82 -2.73 4.81
N SER D 202 36.81 -2.70 3.47
CA SER D 202 37.70 -1.84 2.70
C SER D 202 37.57 -0.36 3.07
N SER D 203 36.47 0.04 3.71
CA SER D 203 36.18 1.44 3.97
C SER D 203 36.57 1.95 5.35
N LEU D 204 37.02 1.07 6.27
CA LEU D 204 37.30 1.51 7.64
C LEU D 204 38.45 2.51 7.69
N GLY D 205 39.55 2.20 7.05
CA GLY D 205 40.67 3.11 7.06
C GLY D 205 40.43 4.43 6.35
N THR D 206 39.25 4.62 5.75
CA THR D 206 38.90 5.84 5.03
C THR D 206 37.65 6.55 5.58
N GLN D 207 36.59 5.83 5.93
CA GLN D 207 35.36 6.46 6.38
C GLN D 207 35.31 6.48 7.89
N THR D 208 35.10 7.68 8.46
CA THR D 208 34.86 7.83 9.89
C THR D 208 33.39 7.53 10.20
N TYR D 209 33.15 6.86 11.33
CA TYR D 209 31.81 6.44 11.73
C TYR D 209 31.50 6.97 13.12
N ILE D 210 30.59 7.94 13.19
CA ILE D 210 30.14 8.55 14.45
C ILE D 210 28.71 8.13 14.72
N CYS D 211 28.39 7.81 15.98
CA CYS D 211 27.01 7.59 16.39
C CYS D 211 26.57 8.76 17.25
N ASN D 212 25.34 9.22 17.01
CA ASN D 212 24.77 10.38 17.67
C ASN D 212 23.64 9.88 18.55
N VAL D 213 23.86 9.92 19.86
CA VAL D 213 22.91 9.46 20.85
C VAL D 213 22.21 10.68 21.44
N ASP D 214 20.91 10.57 21.61
CA ASP D 214 20.11 11.62 22.21
C ASP D 214 19.22 11.00 23.28
N HIS D 215 19.15 11.67 24.43
CA HIS D 215 18.29 11.26 25.54
C HIS D 215 17.70 12.56 26.09
N LYS D 216 16.59 12.99 25.48
CA LYS D 216 15.99 14.26 25.87
C LYS D 216 15.49 14.28 27.31
N PRO D 217 15.01 13.18 27.91
CA PRO D 217 14.64 13.25 29.33
C PRO D 217 15.76 13.73 30.26
N SER D 218 17.03 13.60 29.88
CA SER D 218 18.11 14.17 30.71
C SER D 218 18.92 15.25 29.97
N ASN D 219 18.40 15.76 28.86
CA ASN D 219 19.10 16.70 28.01
C ASN D 219 20.53 16.23 27.73
N THR D 220 20.66 14.93 27.39
CA THR D 220 21.95 14.37 26.98
C THR D 220 22.02 14.30 25.46
N LYS D 221 23.05 14.90 24.90
CA LYS D 221 23.44 14.69 23.52
C LYS D 221 24.89 14.26 23.54
N VAL D 222 25.21 13.16 22.86
CA VAL D 222 26.55 12.60 22.86
C VAL D 222 26.88 12.18 21.44
N ASP D 223 28.06 12.55 20.96
CA ASP D 223 28.56 12.12 19.64
C ASP D 223 29.83 11.32 19.88
N LYS D 224 29.78 10.00 19.68
CA LYS D 224 30.93 9.14 19.95
C LYS D 224 31.42 8.53 18.64
N LYS D 225 32.71 8.71 18.32
CA LYS D 225 33.29 8.15 17.10
C LYS D 225 33.90 6.78 17.37
N VAL D 226 33.69 5.86 16.43
CA VAL D 226 34.08 4.47 16.59
C VAL D 226 35.17 4.14 15.59
N GLU D 227 36.40 3.97 16.09
CA GLU D 227 37.59 3.69 15.30
C GLU D 227 38.02 2.25 15.49
N PRO D 228 38.62 1.64 14.46
CA PRO D 228 39.07 0.24 14.59
C PRO D 228 40.14 0.09 15.66
N LYS D 229 40.12 -1.05 16.34
CA LYS D 229 40.96 -1.20 17.53
C LYS D 229 42.43 -1.28 17.09
N SER D 230 43.34 -1.04 18.03
CA SER D 230 44.75 -0.90 17.68
C SER D 230 45.73 -1.76 18.51
N ASN E 1 -24.20 14.83 23.09
CA ASN E 1 -23.07 14.40 22.27
C ASN E 1 -23.42 14.43 20.76
N TRP E 2 -22.74 15.32 20.02
CA TRP E 2 -23.07 15.50 18.61
C TRP E 2 -22.72 14.28 17.76
N PHE E 3 -21.58 13.62 18.08
CA PHE E 3 -21.12 12.43 17.36
C PHE E 3 -22.22 11.37 17.36
N ASP E 4 -22.74 11.03 18.56
CA ASP E 4 -23.82 10.05 18.65
C ASP E 4 -25.07 10.46 17.83
N ILE E 5 -25.37 11.77 17.80
CA ILE E 5 -26.51 12.24 17.03
C ILE E 5 -26.42 12.01 15.51
N THR E 6 -25.21 12.21 14.94
CA THR E 6 -25.05 12.08 13.48
C THR E 6 -25.54 10.73 12.96
N ASN E 7 -25.44 9.66 13.76
CA ASN E 7 -25.97 8.37 13.36
C ASN E 7 -27.43 8.46 12.95
N TRP E 8 -28.24 9.14 13.77
CA TRP E 8 -29.67 9.31 13.48
C TRP E 8 -29.89 10.30 12.34
N LEU E 9 -29.13 11.40 12.38
CA LEU E 9 -29.23 12.39 11.31
C LEU E 9 -29.08 11.75 9.93
N TRP E 10 -28.20 10.75 9.79
CA TRP E 10 -28.01 10.11 8.49
C TRP E 10 -29.32 9.58 7.89
N TYR E 11 -30.12 8.92 8.73
CA TYR E 11 -31.37 8.35 8.27
C TYR E 11 -32.37 9.43 7.95
N ILE E 12 -32.43 10.45 8.80
CA ILE E 12 -33.22 11.65 8.47
C ILE E 12 -32.89 12.15 7.07
N LYS E 13 -31.60 12.32 6.77
CA LYS E 13 -31.17 12.83 5.47
C LYS E 13 -31.63 11.94 4.32
N LEU E 14 -31.62 10.62 4.53
CA LEU E 14 -32.10 9.73 3.47
C LEU E 14 -33.59 9.95 3.23
N PHE E 15 -34.37 9.93 4.32
CA PHE E 15 -35.78 10.35 4.31
C PHE E 15 -36.00 11.62 3.47
N ILE E 16 -35.08 12.58 3.59
CA ILE E 16 -35.22 13.82 2.82
C ILE E 16 -34.98 13.56 1.34
N MET E 17 -33.86 12.89 1.02
CA MET E 17 -33.47 12.77 -0.38
C MET E 17 -34.50 12.02 -1.21
N ILE E 18 -35.17 11.01 -0.65
CA ILE E 18 -36.23 10.37 -1.42
C ILE E 18 -37.29 11.39 -1.85
N VAL E 19 -37.64 12.33 -0.96
CA VAL E 19 -38.56 13.40 -1.29
C VAL E 19 -37.83 14.62 -1.87
N ASN F 1 -19.95 -28.56 -8.90
CA ASN F 1 -20.85 -29.61 -8.44
C ASN F 1 -20.75 -30.82 -9.38
N TRP F 2 -21.29 -30.72 -10.61
CA TRP F 2 -20.95 -31.71 -11.64
C TRP F 2 -19.47 -31.60 -11.98
N PHE F 3 -18.96 -30.37 -11.94
CA PHE F 3 -17.56 -30.07 -12.17
C PHE F 3 -16.66 -30.92 -11.28
N ASP F 4 -16.88 -30.86 -9.97
CA ASP F 4 -16.06 -31.66 -9.05
C ASP F 4 -16.21 -33.15 -9.33
N ILE F 5 -17.37 -33.59 -9.81
CA ILE F 5 -17.59 -35.01 -10.09
C ILE F 5 -16.67 -35.47 -11.22
N THR F 6 -16.51 -34.64 -12.26
CA THR F 6 -15.62 -35.05 -13.37
C THR F 6 -14.22 -35.40 -12.85
N ASN F 7 -13.79 -34.79 -11.74
CA ASN F 7 -12.51 -35.11 -11.11
C ASN F 7 -12.37 -36.61 -10.89
N TRP F 8 -13.39 -37.21 -10.27
CA TRP F 8 -13.37 -38.66 -10.02
C TRP F 8 -13.65 -39.46 -11.29
N LEU F 9 -14.61 -38.99 -12.08
CA LEU F 9 -14.97 -39.70 -13.31
C LEU F 9 -13.76 -39.97 -14.18
N TRP F 10 -12.78 -39.06 -14.20
CA TRP F 10 -11.59 -39.31 -15.00
C TRP F 10 -10.93 -40.64 -14.63
N TYR F 11 -10.83 -40.92 -13.32
CA TYR F 11 -10.23 -42.17 -12.87
C TYR F 11 -11.12 -43.36 -13.21
N ILE F 12 -12.44 -43.21 -13.02
CA ILE F 12 -13.37 -44.24 -13.50
C ILE F 12 -13.09 -44.61 -14.96
N LYS F 13 -13.04 -43.58 -15.82
CA LYS F 13 -12.75 -43.76 -17.24
C LYS F 13 -11.41 -44.44 -17.48
N LEU F 14 -10.41 -44.17 -16.65
CA LEU F 14 -9.13 -44.85 -16.80
C LEU F 14 -9.28 -46.33 -16.50
N PHE F 15 -9.87 -46.64 -15.35
CA PHE F 15 -10.26 -47.99 -14.97
C PHE F 15 -10.92 -48.72 -16.14
N ILE F 16 -11.76 -47.99 -16.88
CA ILE F 16 -12.43 -48.56 -18.05
C ILE F 16 -11.46 -48.79 -19.21
N MET F 17 -10.66 -47.78 -19.54
CA MET F 17 -9.78 -47.87 -20.71
C MET F 17 -8.86 -49.07 -20.60
N ILE F 18 -8.40 -49.35 -19.38
CA ILE F 18 -7.56 -50.52 -19.15
C ILE F 18 -8.25 -51.79 -19.66
N VAL F 19 -9.53 -51.96 -19.33
CA VAL F 19 -10.29 -53.11 -19.76
C VAL F 19 -10.99 -52.91 -21.12
C1 NAG G . 18.57 -3.99 -17.00
C2 NAG G . 18.57 -4.31 -15.51
C3 NAG G . 19.91 -3.95 -14.86
C4 NAG G . 21.05 -4.58 -15.65
C5 NAG G . 20.95 -4.20 -17.11
C6 NAG G . 22.07 -4.84 -17.92
C7 NAG G . 16.27 -4.09 -14.79
C8 NAG G . 15.24 -3.21 -14.15
N2 NAG G . 17.50 -3.59 -14.85
O3 NAG G . 19.93 -4.40 -13.51
O4 NAG G . 22.30 -4.14 -15.11
O5 NAG G . 19.70 -4.60 -17.65
O6 NAG G . 23.33 -4.55 -17.30
O7 NAG G . 15.99 -5.19 -15.24
P PO4 H . -21.48 -36.96 -21.78
O1 PO4 H . -21.94 -35.53 -22.03
O2 PO4 H . -22.24 -37.57 -20.62
O3 PO4 H . -21.72 -37.78 -23.02
O4 PO4 H . -20.00 -36.96 -21.46
P PO4 I . -25.99 -30.48 -15.37
O1 PO4 I . -25.27 -29.15 -15.26
O2 PO4 I . -27.31 -30.23 -16.08
O3 PO4 I . -26.26 -31.03 -13.99
O4 PO4 I . -25.15 -31.45 -16.17
C1 NAG J . 6.39 -20.74 5.98
C2 NAG J . 5.96 -21.40 7.29
C3 NAG J . 6.44 -22.84 7.38
C4 NAG J . 6.02 -23.60 6.13
C5 NAG J . 6.52 -22.87 4.89
C6 NAG J . 6.10 -23.60 3.61
C7 NAG J . 5.83 -19.57 8.87
C8 NAG J . 6.49 -18.86 10.02
N2 NAG J . 6.47 -20.64 8.41
O3 NAG J . 5.87 -23.47 8.52
O4 NAG J . 6.58 -24.91 6.16
O5 NAG J . 5.99 -21.54 4.86
O6 NAG J . 6.47 -24.98 3.72
O7 NAG J . 4.78 -19.19 8.40
N DPV K . -19.14 22.06 8.66
P DPV K . -23.73 21.46 9.60
C1 DPV K . -25.15 23.67 9.95
C2 DPV K . -24.94 25.16 9.67
C3 DPV K . -25.47 25.55 8.31
C4 DPV K . -21.59 22.05 8.35
C5 DPV K . -20.29 21.24 8.28
C6 DPV K . -19.38 23.49 8.43
C7 DPV K . -18.88 21.87 10.08
C8 DPV K . -17.96 21.64 7.89
C15 DPV K . -26.66 24.68 7.98
C16 DPV K . -26.25 23.49 7.13
C17 DPV K . -26.41 23.83 5.67
C18 DPV K . -27.87 23.73 5.26
C19 DPV K . -28.16 24.60 4.05
O1P DPV K . -22.91 21.72 10.82
C20 DPV K . -29.53 24.28 3.47
C21 DPV K . -29.77 25.05 2.19
C22 DPV K . -30.71 24.29 1.27
C23 DPV K . -31.91 23.80 2.04
O2P DPV K . -24.77 20.39 9.63
O3P DPV K . -24.34 22.85 9.10
O4P DPV K . -22.73 21.20 8.41
P1 PC L . -26.05 1.21 4.13
O1 PC L . -27.54 1.22 3.88
O3 PC L . -25.83 0.36 5.36
O4 PC L . -25.36 0.63 2.91
O2 PC L . -25.46 2.73 4.32
C1 PC L . -24.66 3.06 5.43
C2 PC L . -25.54 3.22 6.68
N1 PC L . -24.83 3.95 7.70
C3 PC L . -24.46 5.25 7.21
C4 PC L . -23.61 3.27 8.04
C5 PC L . -25.67 4.09 8.87
P1 PC M . -1.43 -38.17 -13.89
O1 PC M . -0.88 -37.53 -12.65
O3 PC M . -1.86 -39.59 -13.70
O4 PC M . -0.65 -37.91 -15.15
O2 PC M . -2.77 -37.34 -14.08
C1 PC M . -3.45 -36.94 -12.91
C2 PC M . -4.24 -35.66 -13.17
N1 PC M . -5.25 -35.83 -14.20
C3 PC M . -5.71 -37.23 -14.23
C4 PC M . -4.70 -35.47 -15.50
C5 PC M . -6.40 -34.98 -13.91
#